data_3VXS
#
_entry.id   3VXS
#
_cell.length_a   67.404
_cell.length_b   99.047
_cell.length_c   162.965
_cell.angle_alpha   90.00
_cell.angle_beta   90.00
_cell.angle_gamma   90.00
#
_symmetry.space_group_name_H-M   'P 21 21 21'
#
loop_
_entity.id
_entity.type
_entity.pdbx_description
1 polymer 'HLA class I histocompatibility antigen, A-24 alpha chain'
2 polymer Beta-2-microglobulin
3 polymer 'H27-14 TCR alpha chain'
4 polymer 'H27-14 TCR beta chain'
5 polymer '10-mer peptide from Protein Nef'
6 water water
#
loop_
_entity_poly.entity_id
_entity_poly.type
_entity_poly.pdbx_seq_one_letter_code
_entity_poly.pdbx_strand_id
1 'polypeptide(L)'
;MGSHSMRYFSTSVSRPGRGEPRFIAVGYVDDTQFVRFDSDAASQRMEPRAPWIEQEGPEYWDEETGKVKAHSQTDRENLR
IALRYYNQSEAGSHTLQMMFGCDVGSDGRFLRGYHQYAYDGKDYIALKEDLRSWTAADMAAQITKRKWEAAHVAEQQRAY
LEGTCVDGLRRYLENGKETLQRTDPPKTHMTHHPISDHEATLRCWALGFYPAEITLTWQRDGEDQTQDTELVETRPAGDG
TFQKWAAVVVPSGEEQRYTCHVQHEGLPKPLTLRW
;
A
2 'polypeptide(L)'
;MIQRTPKIQVYSRHPAENGKSNFLNCYVSGFHPSDIEVDLLKNGERIEKVEHSDLSFSKDWSFYLLYYTEFTPTEKDEYA
CRVNHVTLSQPKIVKWDRDM
;
B
3 'polypeptide(L)'
;MKQEVTQIPAALSVPEGENLVLNCSFTDSAIYNLQWFRQDPGKGLTSLLLIQSSQREQTSGRLNASLDKSSGRSTLYIAA
SQPGDSATYLCAVRMDSSYKLIFGSGTRLLVRPDIQNPDPAVYQLRDSKSSDKSVCLFTDFDSQTNVSQSKDSDVYITDK
CVLDMRSMDFKSNSAVAWSNKSDFACANAFNNSIIPEDTFFPSPESS
;
D
4 'polypeptide(L)'
;MDTGVSQNPRHKITKRGQNVTFRCDPISEHNRLYWYRQTLGQGPEFLTYFQNEAQLEKSRLLSDRFSAERPKGSFSTLEI
QRTEQGDSAMYLCASSSWDTGELFFGEGSRLTVLEDLKNVFPPEVAVFEPSEAEISHTQKATLVCLATGFYPDHVELSWW
VNGKEVHSGVCTDPQPLKEQPALNDSRYALSSRLRVSATFWQNPRNHFRCQVQFYGLSENDEWTQDRAKPVTQIVSAEAW
GRAD
;
E
5 'polypeptide(L)' RYPLTLGWCF C
#
# COMPACT_ATOMS: atom_id res chain seq x y z
N GLY A 2 35.19 -1.05 9.50
CA GLY A 2 34.48 -1.87 10.51
C GLY A 2 33.01 -2.07 10.15
N SER A 3 32.30 -2.80 10.99
CA SER A 3 30.88 -3.05 10.78
C SER A 3 30.03 -1.85 11.20
N HIS A 4 28.82 -1.75 10.64
CA HIS A 4 27.93 -0.61 10.88
C HIS A 4 26.51 -1.06 11.10
N SER A 5 25.70 -0.18 11.66
CA SER A 5 24.31 -0.49 11.99
C SER A 5 23.38 0.65 11.57
N MET A 6 22.15 0.32 11.19
CA MET A 6 21.09 1.29 11.09
C MET A 6 19.99 0.85 12.05
N ARG A 7 19.42 1.80 12.78
CA ARG A 7 18.37 1.48 13.76
C ARG A 7 17.31 2.53 13.76
N TYR A 8 16.04 2.11 13.87
CA TYR A 8 14.99 3.06 14.20
C TYR A 8 14.41 2.70 15.55
N PHE A 9 14.10 3.71 16.36
CA PHE A 9 13.51 3.54 17.70
C PHE A 9 12.22 4.35 17.75
N SER A 10 11.09 3.71 18.01
CA SER A 10 9.84 4.46 18.13
C SER A 10 9.19 4.28 19.50
N THR A 11 8.52 5.32 19.95
CA THR A 11 7.81 5.31 21.22
C THR A 11 6.42 5.89 21.03
N SER A 12 5.39 5.13 21.39
CA SER A 12 4.02 5.64 21.40
C SER A 12 3.52 5.62 22.83
N VAL A 13 2.95 6.72 23.28
CA VAL A 13 2.45 6.81 24.66
C VAL A 13 1.01 7.30 24.62
N SER A 14 0.08 6.48 25.10
CA SER A 14 -1.32 6.85 25.12
C SER A 14 -1.56 7.87 26.23
N ARG A 15 -2.58 8.70 26.05
CA ARG A 15 -2.92 9.75 27.01
C ARG A 15 -4.42 9.98 26.95
N PRO A 16 -5.20 9.02 27.48
CA PRO A 16 -6.65 8.97 27.25
C PRO A 16 -7.36 10.21 27.78
N GLY A 17 -8.29 10.73 26.99
CA GLY A 17 -8.96 11.99 27.29
C GLY A 17 -8.23 13.19 26.74
N ARG A 18 -6.91 13.06 26.60
CA ARG A 18 -6.05 14.16 26.16
C ARG A 18 -5.59 13.96 24.71
N GLY A 19 -6.44 13.33 23.90
CA GLY A 19 -6.15 13.14 22.49
C GLY A 19 -5.51 11.80 22.17
N GLU A 20 -5.05 11.65 20.93
CA GLU A 20 -4.48 10.40 20.44
C GLU A 20 -3.06 10.23 20.97
N PRO A 21 -2.53 8.99 20.96
CA PRO A 21 -1.19 8.76 21.52
C PRO A 21 -0.09 9.62 20.86
N ARG A 22 0.89 10.04 21.66
CA ARG A 22 2.05 10.72 21.10
C ARG A 22 3.01 9.71 20.55
N PHE A 23 3.44 9.93 19.30
CA PHE A 23 4.38 9.02 18.62
C PHE A 23 5.66 9.77 18.27
N ILE A 24 6.79 9.22 18.69
CA ILE A 24 8.11 9.77 18.37
C ILE A 24 8.93 8.63 17.77
N ALA A 25 9.52 8.87 16.60
CA ALA A 25 10.46 7.93 16.03
C ALA A 25 11.75 8.64 15.69
N VAL A 26 12.87 7.96 15.88
CA VAL A 26 14.21 8.49 15.57
C VAL A 26 14.99 7.41 14.84
N GLY A 27 15.84 7.85 13.92
CA GLY A 27 16.70 6.95 13.16
C GLY A 27 18.17 7.26 13.39
N TYR A 28 18.96 6.21 13.49
CA TYR A 28 20.40 6.28 13.73
C TYR A 28 21.19 5.47 12.70
N VAL A 29 22.35 5.98 12.31
CA VAL A 29 23.38 5.13 11.71
C VAL A 29 24.52 5.12 12.72
N ASP A 30 24.91 3.93 13.18
CA ASP A 30 25.86 3.77 14.28
C ASP A 30 25.40 4.65 15.45
N ASP A 31 26.28 5.52 15.96
CA ASP A 31 25.91 6.36 17.08
C ASP A 31 25.45 7.76 16.67
N THR A 32 25.10 7.93 15.40
CA THR A 32 24.73 9.23 14.88
C THR A 32 23.26 9.25 14.47
N GLN A 33 22.48 10.10 15.12
CA GLN A 33 21.09 10.28 14.72
C GLN A 33 20.99 10.98 13.36
N PHE A 34 20.06 10.57 12.51
CA PHE A 34 19.90 11.25 11.22
C PHE A 34 18.50 11.76 10.85
N VAL A 35 17.46 11.22 11.48
CA VAL A 35 16.09 11.67 11.22
C VAL A 35 15.24 11.60 12.50
N ARG A 36 14.17 12.38 12.54
CA ARG A 36 13.17 12.28 13.59
C ARG A 36 11.77 12.52 13.05
N PHE A 37 10.78 12.05 13.80
CA PHE A 37 9.37 12.39 13.59
C PHE A 37 8.70 12.49 14.93
N ASP A 38 7.88 13.51 15.12
CA ASP A 38 7.16 13.68 16.36
C ASP A 38 5.74 14.06 16.01
N SER A 39 4.77 13.22 16.38
CA SER A 39 3.36 13.44 16.02
C SER A 39 2.77 14.71 16.61
N ASP A 40 3.40 15.25 17.65
CA ASP A 40 2.94 16.50 18.25
C ASP A 40 3.54 17.73 17.61
N ALA A 41 4.57 17.56 16.78
CA ALA A 41 5.26 18.70 16.18
C ALA A 41 4.42 19.34 15.06
N ALA A 42 4.66 20.63 14.80
CA ALA A 42 3.86 21.37 13.83
C ALA A 42 4.04 20.90 12.39
N SER A 43 5.25 20.50 12.02
CA SER A 43 5.56 20.19 10.62
C SER A 43 4.83 18.98 10.06
N GLN A 44 4.62 17.95 10.88
CA GLN A 44 4.03 16.68 10.43
C GLN A 44 4.86 16.00 9.33
N ARG A 45 6.17 16.23 9.39
CA ARG A 45 7.13 15.69 8.44
C ARG A 45 8.21 14.93 9.17
N MET A 46 8.74 13.87 8.55
CA MET A 46 10.06 13.37 8.92
C MET A 46 11.07 14.50 8.67
N GLU A 47 11.94 14.73 9.65
CA GLU A 47 12.88 15.86 9.62
C GLU A 47 14.35 15.39 9.70
N PRO A 48 15.26 16.10 8.98
CA PRO A 48 16.69 15.75 9.00
C PRO A 48 17.34 16.10 10.34
N ARG A 49 18.27 15.26 10.79
CA ARG A 49 18.96 15.52 12.08
C ARG A 49 20.48 15.35 11.96
N ALA A 50 20.94 15.10 10.74
CA ALA A 50 22.37 15.06 10.43
C ALA A 50 22.59 15.75 9.08
N PRO A 51 23.74 16.43 8.89
CA PRO A 51 23.93 17.22 7.67
C PRO A 51 23.91 16.41 6.37
N TRP A 52 24.38 15.16 6.41
CA TRP A 52 24.47 14.35 5.18
C TRP A 52 23.17 13.80 4.65
N ILE A 53 22.11 13.81 5.46
CA ILE A 53 20.79 13.35 4.99
C ILE A 53 20.04 14.47 4.30
N GLU A 54 20.49 15.72 4.50
CA GLU A 54 19.90 16.87 3.81
C GLU A 54 20.17 16.84 2.30
N GLN A 55 21.11 15.99 1.88
CA GLN A 55 21.36 15.70 0.47
C GLN A 55 20.14 15.11 -0.22
N GLU A 56 19.33 14.35 0.52
CA GLU A 56 18.15 13.70 -0.04
C GLU A 56 17.13 14.72 -0.55
N GLY A 57 16.54 14.43 -1.71
CA GLY A 57 15.58 15.34 -2.34
C GLY A 57 14.17 15.25 -1.77
N PRO A 58 13.24 16.06 -2.30
CA PRO A 58 11.89 16.15 -1.75
C PRO A 58 11.09 14.85 -1.76
N GLU A 59 11.35 13.96 -2.72
CA GLU A 59 10.63 12.69 -2.80
C GLU A 59 10.95 11.79 -1.62
N TYR A 60 12.22 11.78 -1.22
CA TYR A 60 12.65 11.06 -0.03
C TYR A 60 11.82 11.49 1.19
N TRP A 61 11.73 12.80 1.43
CA TRP A 61 11.02 13.32 2.60
C TRP A 61 9.55 13.05 2.56
N ASP A 62 8.96 13.13 1.35
CA ASP A 62 7.57 12.74 1.14
C ASP A 62 7.40 11.26 1.48
N GLU A 63 8.30 10.41 0.96
CA GLU A 63 8.21 8.96 1.17
C GLU A 63 8.35 8.58 2.65
N GLU A 64 9.36 9.15 3.30
CA GLU A 64 9.65 8.80 4.70
C GLU A 64 8.55 9.30 5.63
N THR A 65 8.02 10.49 5.33
CA THR A 65 6.92 11.04 6.10
C THR A 65 5.71 10.11 6.01
N GLY A 66 5.40 9.65 4.80
CA GLY A 66 4.25 8.76 4.59
C GLY A 66 4.41 7.47 5.37
N LYS A 67 5.61 6.93 5.36
CA LYS A 67 5.89 5.64 5.98
C LYS A 67 5.89 5.76 7.51
N VAL A 68 6.48 6.84 8.02
CA VAL A 68 6.55 6.97 9.50
C VAL A 68 5.17 7.30 10.08
N LYS A 69 4.36 8.05 9.34
CA LYS A 69 2.97 8.31 9.75
C LYS A 69 2.11 7.04 9.78
N ALA A 70 2.35 6.14 8.82
CA ALA A 70 1.71 4.83 8.81
C ALA A 70 2.07 4.03 10.06
N HIS A 71 3.33 4.11 10.46
CA HIS A 71 3.77 3.45 11.70
C HIS A 71 3.05 4.04 12.87
N SER A 72 2.97 5.37 12.89
CA SER A 72 2.23 6.05 13.95
C SER A 72 0.81 5.46 14.09
N GLN A 73 0.13 5.27 12.96
CA GLN A 73 -1.22 4.71 12.97
C GLN A 73 -1.24 3.24 13.41
N THR A 74 -0.29 2.48 12.92
CA THR A 74 -0.14 1.06 13.28
C THR A 74 0.01 0.91 14.79
N ASP A 75 0.89 1.71 15.37
CA ASP A 75 1.13 1.57 16.80
C ASP A 75 -0.04 2.10 17.63
N ARG A 76 -0.84 3.03 17.06
CA ARG A 76 -2.13 3.39 17.65
C ARG A 76 -3.07 2.18 17.72
N GLU A 77 -3.17 1.47 16.60
CA GLU A 77 -3.93 0.21 16.51
C GLU A 77 -3.41 -0.80 17.55
N ASN A 78 -2.09 -0.97 17.61
CA ASN A 78 -1.51 -1.97 18.52
C ASN A 78 -1.68 -1.64 19.98
N LEU A 79 -1.65 -0.36 20.32
CA LEU A 79 -1.98 0.05 21.69
C LEU A 79 -3.41 -0.34 22.08
N ARG A 80 -4.36 -0.15 21.17
CA ARG A 80 -5.76 -0.55 21.39
C ARG A 80 -5.90 -2.07 21.59
N ILE A 81 -5.20 -2.86 20.76
CA ILE A 81 -5.27 -4.32 20.83
C ILE A 81 -4.66 -4.82 22.14
N ALA A 82 -3.52 -4.24 22.52
CA ALA A 82 -2.83 -4.61 23.75
C ALA A 82 -3.74 -4.43 24.96
N LEU A 83 -4.47 -3.32 24.99
CA LEU A 83 -5.47 -3.06 26.04
C LEU A 83 -6.46 -4.22 26.19
N ARG A 84 -6.93 -4.73 25.05
CA ARG A 84 -7.85 -5.86 25.04
C ARG A 84 -7.18 -7.15 25.51
N TYR A 85 -6.00 -7.45 24.98
CA TYR A 85 -5.26 -8.65 25.37
C TYR A 85 -4.96 -8.72 26.85
N TYR A 86 -4.65 -7.56 27.45
CA TYR A 86 -4.32 -7.50 28.88
C TYR A 86 -5.51 -7.15 29.78
N ASN A 87 -6.69 -6.98 29.20
CA ASN A 87 -7.91 -6.59 29.93
C ASN A 87 -7.66 -5.34 30.79
N GLN A 88 -7.16 -4.28 30.16
CA GLN A 88 -6.81 -3.05 30.85
C GLN A 88 -7.81 -1.94 30.52
N SER A 89 -8.02 -1.04 31.46
CA SER A 89 -8.97 0.06 31.26
C SER A 89 -8.50 1.10 30.25
N GLU A 90 -9.44 1.85 29.71
CA GLU A 90 -9.14 2.95 28.80
C GLU A 90 -8.72 4.21 29.55
N ALA A 91 -8.68 4.12 30.89
CA ALA A 91 -8.29 5.23 31.76
C ALA A 91 -6.77 5.49 31.75
N GLY A 92 -5.98 4.43 31.79
CA GLY A 92 -4.53 4.54 32.00
C GLY A 92 -3.69 4.82 30.77
N SER A 93 -2.49 5.37 31.00
CA SER A 93 -1.53 5.64 29.95
C SER A 93 -0.57 4.46 29.79
N HIS A 94 -0.31 4.08 28.54
CA HIS A 94 0.57 2.96 28.23
C HIS A 94 1.57 3.29 27.18
N THR A 95 2.65 2.52 27.14
CA THR A 95 3.76 2.79 26.23
C THR A 95 4.00 1.60 25.33
N LEU A 96 4.13 1.88 24.04
CA LEU A 96 4.55 0.86 23.10
C LEU A 96 5.82 1.30 22.39
N GLN A 97 6.90 0.54 22.57
CA GLN A 97 8.16 0.81 21.89
C GLN A 97 8.49 -0.23 20.83
N MET A 98 9.24 0.19 19.82
CA MET A 98 9.73 -0.70 18.81
C MET A 98 11.13 -0.31 18.40
N MET A 99 11.95 -1.32 18.13
CA MET A 99 13.24 -1.12 17.55
C MET A 99 13.37 -2.07 16.36
N PHE A 100 13.91 -1.55 15.27
CA PHE A 100 14.25 -2.41 14.13
C PHE A 100 15.46 -1.84 13.40
N GLY A 101 16.12 -2.70 12.63
CA GLY A 101 17.22 -2.25 11.80
C GLY A 101 18.16 -3.39 11.47
N CYS A 102 19.31 -3.04 10.90
CA CYS A 102 20.20 -4.06 10.37
C CYS A 102 21.65 -3.72 10.66
N ASP A 103 22.48 -4.77 10.67
CA ASP A 103 23.93 -4.64 10.78
C ASP A 103 24.57 -5.10 9.47
N VAL A 104 25.61 -4.39 9.04
CA VAL A 104 26.38 -4.79 7.85
C VAL A 104 27.87 -4.79 8.20
N GLY A 105 28.64 -5.61 7.48
CA GLY A 105 30.09 -5.72 7.74
C GLY A 105 30.86 -4.63 7.03
N SER A 106 32.18 -4.76 6.98
CA SER A 106 33.04 -3.77 6.30
C SER A 106 32.91 -3.75 4.77
N ASP A 107 32.52 -4.89 4.18
CA ASP A 107 32.27 -4.95 2.73
C ASP A 107 30.82 -4.57 2.36
N GLY A 108 29.97 -4.36 3.37
CA GLY A 108 28.59 -3.94 3.15
C GLY A 108 27.56 -5.06 3.16
N ARG A 109 28.01 -6.27 3.49
CA ARG A 109 27.13 -7.45 3.50
C ARG A 109 26.30 -7.55 4.79
N PHE A 110 25.05 -8.00 4.64
CA PHE A 110 24.16 -8.25 5.79
C PHE A 110 24.81 -9.08 6.89
N LEU A 111 24.73 -8.59 8.13
CA LEU A 111 25.22 -9.32 9.30
C LEU A 111 24.10 -9.82 10.18
N ARG A 112 23.23 -8.90 10.61
CA ARG A 112 22.10 -9.23 11.47
C ARG A 112 20.93 -8.28 11.30
N GLY A 113 19.74 -8.77 11.63
CA GLY A 113 18.51 -7.99 11.58
C GLY A 113 17.81 -7.99 12.93
N TYR A 114 17.04 -6.93 13.19
CA TYR A 114 16.28 -6.79 14.43
C TYR A 114 14.90 -6.24 14.13
N HIS A 115 13.91 -6.71 14.89
CA HIS A 115 12.51 -6.30 14.77
C HIS A 115 11.80 -6.72 16.04
N GLN A 116 11.64 -5.78 16.97
CA GLN A 116 11.15 -6.15 18.31
C GLN A 116 10.31 -5.07 18.98
N TYR A 117 9.43 -5.50 19.89
CA TYR A 117 8.51 -4.60 20.61
C TYR A 117 8.59 -4.79 22.11
N ALA A 118 8.33 -3.70 22.85
CA ALA A 118 8.10 -3.72 24.28
C ALA A 118 6.81 -2.99 24.60
N TYR A 119 6.02 -3.54 25.54
CA TYR A 119 4.82 -2.87 26.02
C TYR A 119 5.02 -2.52 27.49
N ASP A 120 4.78 -1.24 27.83
CA ASP A 120 5.03 -0.75 29.19
C ASP A 120 6.41 -1.09 29.75
N GLY A 121 7.44 -1.00 28.90
CA GLY A 121 8.84 -1.16 29.33
C GLY A 121 9.36 -2.58 29.37
N LYS A 122 8.50 -3.54 29.03
CA LYS A 122 8.85 -4.98 29.07
C LYS A 122 8.80 -5.62 27.69
N ASP A 123 9.69 -6.58 27.42
CA ASP A 123 9.63 -7.35 26.17
C ASP A 123 8.20 -7.78 25.89
N TYR A 124 7.79 -7.62 24.63
CA TYR A 124 6.51 -8.15 24.18
C TYR A 124 6.75 -9.28 23.18
N ILE A 125 7.22 -8.93 21.98
CA ILE A 125 7.55 -9.90 20.93
C ILE A 125 8.79 -9.45 20.14
N ALA A 126 9.62 -10.41 19.72
CA ALA A 126 10.86 -10.10 19.03
C ALA A 126 11.13 -11.10 17.93
N LEU A 127 11.63 -10.63 16.80
CA LEU A 127 12.13 -11.51 15.75
C LEU A 127 13.45 -12.16 16.20
N LYS A 128 13.52 -13.50 16.11
CA LYS A 128 14.75 -14.20 16.48
C LYS A 128 15.83 -13.92 15.45
N GLU A 129 17.09 -14.18 15.81
CA GLU A 129 18.21 -13.91 14.90
C GLU A 129 18.06 -14.61 13.54
N ASP A 130 17.39 -15.76 13.51
CA ASP A 130 17.20 -16.49 12.24
C ASP A 130 16.24 -15.79 11.27
N LEU A 131 15.54 -14.76 11.77
CA LEU A 131 14.59 -13.95 10.99
C LEU A 131 13.44 -14.77 10.41
N ARG A 132 13.15 -15.90 11.05
CA ARG A 132 12.09 -16.80 10.60
C ARG A 132 11.12 -17.10 11.73
N SER A 133 11.50 -16.73 12.94
CA SER A 133 10.86 -17.20 14.16
C SER A 133 10.65 -16.06 15.16
N TRP A 134 9.64 -16.18 16.02
CA TRP A 134 9.32 -15.15 17.04
C TRP A 134 9.49 -15.61 18.47
N THR A 135 9.91 -14.68 19.33
CA THR A 135 9.97 -14.89 20.78
C THR A 135 8.89 -14.07 21.44
N ALA A 136 7.85 -14.73 21.94
CA ALA A 136 6.79 -14.07 22.70
C ALA A 136 7.13 -14.10 24.19
N ALA A 137 7.02 -12.95 24.85
CA ALA A 137 7.49 -12.85 26.23
C ALA A 137 6.41 -13.18 27.25
N ASP A 138 5.14 -13.18 26.83
CA ASP A 138 4.03 -13.46 27.74
C ASP A 138 2.82 -14.04 27.00
N MET A 139 1.74 -14.29 27.72
CA MET A 139 0.53 -14.90 27.15
C MET A 139 -0.13 -14.08 26.05
N ALA A 140 -0.15 -12.75 26.22
CA ALA A 140 -0.71 -11.85 25.20
C ALA A 140 0.10 -11.93 23.92
N ALA A 141 1.42 -11.80 24.05
CA ALA A 141 2.32 -11.86 22.88
C ALA A 141 2.27 -13.20 22.16
N GLN A 142 1.90 -14.26 22.89
CA GLN A 142 1.71 -15.58 22.28
C GLN A 142 0.52 -15.58 21.30
N ILE A 143 -0.52 -14.80 21.62
CA ILE A 143 -1.62 -14.59 20.66
C ILE A 143 -1.08 -13.96 19.39
N THR A 144 -0.30 -12.89 19.53
CA THR A 144 0.33 -12.23 18.39
C THR A 144 1.24 -13.19 17.61
N LYS A 145 2.10 -13.93 18.33
CA LYS A 145 2.99 -14.94 17.73
C LYS A 145 2.24 -15.96 16.85
N ARG A 146 1.14 -16.51 17.36
CA ARG A 146 0.34 -17.49 16.58
C ARG A 146 -0.26 -16.85 15.33
N LYS A 147 -0.73 -15.60 15.49
CA LYS A 147 -1.25 -14.81 14.39
C LYS A 147 -0.19 -14.57 13.31
N TRP A 148 1.02 -14.17 13.73
CA TRP A 148 2.10 -13.89 12.79
C TRP A 148 2.71 -15.12 12.15
N GLU A 149 2.70 -16.24 12.88
CA GLU A 149 3.24 -17.50 12.34
C GLU A 149 2.35 -18.06 11.25
N ALA A 150 1.04 -18.00 11.49
CA ALA A 150 0.07 -18.52 10.54
C ALA A 150 0.05 -17.68 9.26
N ALA A 151 0.34 -16.38 9.40
CA ALA A 151 0.34 -15.49 8.24
C ALA A 151 1.70 -15.34 7.58
N HIS A 152 2.71 -16.06 8.09
CA HIS A 152 4.10 -15.98 7.59
C HIS A 152 4.60 -14.56 7.43
N VAL A 153 4.34 -13.73 8.44
CA VAL A 153 4.72 -12.32 8.46
C VAL A 153 6.23 -12.13 8.42
N ALA A 154 6.97 -13.04 9.07
CA ALA A 154 8.43 -12.93 9.20
C ALA A 154 9.14 -12.82 7.86
N GLU A 155 8.63 -13.50 6.84
CA GLU A 155 9.27 -13.48 5.52
C GLU A 155 9.37 -12.08 4.91
N GLN A 156 8.32 -11.28 5.00
CA GLN A 156 8.44 -9.91 4.49
C GLN A 156 9.20 -8.99 5.45
N GLN A 157 9.22 -9.31 6.74
CA GLN A 157 10.07 -8.55 7.68
C GLN A 157 11.55 -8.84 7.37
N ARG A 158 11.88 -10.11 7.16
CA ARG A 158 13.23 -10.51 6.78
C ARG A 158 13.68 -9.82 5.49
N ALA A 159 12.78 -9.78 4.50
CA ALA A 159 13.05 -9.11 3.23
C ALA A 159 13.47 -7.65 3.42
N TYR A 160 12.74 -6.93 4.26
CA TYR A 160 13.11 -5.54 4.55
C TYR A 160 14.52 -5.46 5.18
N LEU A 161 14.76 -6.27 6.21
CA LEU A 161 16.03 -6.24 6.97
C LEU A 161 17.23 -6.61 6.13
N GLU A 162 17.05 -7.58 5.24
CA GLU A 162 18.12 -8.03 4.36
C GLU A 162 18.18 -7.21 3.07
N GLY A 163 17.09 -6.52 2.72
CA GLY A 163 17.04 -5.76 1.46
C GLY A 163 17.07 -4.25 1.62
N THR A 164 15.89 -3.66 1.70
CA THR A 164 15.71 -2.22 1.86
C THR A 164 16.61 -1.62 2.95
N CYS A 165 16.68 -2.28 4.11
CA CYS A 165 17.45 -1.79 5.25
C CYS A 165 18.95 -1.68 4.92
N VAL A 166 19.50 -2.77 4.38
CA VAL A 166 20.90 -2.85 3.98
C VAL A 166 21.23 -1.83 2.88
N ASP A 167 20.37 -1.70 1.88
CA ASP A 167 20.58 -0.75 0.77
C ASP A 167 20.56 0.71 1.25
N GLY A 168 19.65 1.01 2.18
CA GLY A 168 19.59 2.35 2.78
C GLY A 168 20.86 2.67 3.55
N LEU A 169 21.26 1.74 4.42
CA LEU A 169 22.48 1.87 5.22
C LEU A 169 23.73 2.04 4.34
N ARG A 170 23.88 1.20 3.33
CA ARG A 170 24.97 1.38 2.38
C ARG A 170 24.96 2.78 1.76
N ARG A 171 23.80 3.22 1.25
CA ARG A 171 23.66 4.57 0.74
C ARG A 171 24.07 5.64 1.77
N TYR A 172 23.55 5.54 2.99
CA TYR A 172 23.86 6.53 4.02
C TYR A 172 25.34 6.57 4.37
N LEU A 173 25.96 5.40 4.53
CA LEU A 173 27.38 5.30 4.85
C LEU A 173 28.27 6.01 3.83
N GLU A 174 27.93 5.84 2.55
CA GLU A 174 28.68 6.50 1.47
C GLU A 174 28.45 8.01 1.43
N ASN A 175 27.18 8.43 1.44
CA ASN A 175 26.85 9.85 1.46
C ASN A 175 27.40 10.61 2.66
N GLY A 176 27.48 9.93 3.80
CA GLY A 176 28.00 10.55 5.01
C GLY A 176 29.36 10.05 5.45
N LYS A 177 30.13 9.48 4.52
CA LYS A 177 31.41 8.83 4.85
C LYS A 177 32.43 9.74 5.54
N GLU A 178 32.43 11.03 5.17
CA GLU A 178 33.32 12.03 5.78
C GLU A 178 33.14 12.16 7.29
N THR A 179 31.94 11.84 7.79
CA THR A 179 31.69 11.86 9.24
C THR A 179 31.35 10.49 9.84
N LEU A 180 30.58 9.68 9.13
CA LEU A 180 30.20 8.34 9.63
C LEU A 180 31.35 7.35 9.64
N GLN A 181 32.21 7.41 8.63
CA GLN A 181 33.34 6.49 8.55
C GLN A 181 34.63 7.09 9.14
N ARG A 182 34.52 8.32 9.67
CA ARG A 182 35.61 8.95 10.39
C ARG A 182 35.76 8.28 11.74
N THR A 183 36.97 8.28 12.27
CA THR A 183 37.18 7.91 13.66
C THR A 183 37.84 9.08 14.40
N ASP A 184 37.25 9.45 15.54
CA ASP A 184 37.81 10.49 16.38
C ASP A 184 38.33 9.81 17.65
N PRO A 185 39.67 9.74 17.80
CA PRO A 185 40.20 9.10 19.00
C PRO A 185 40.01 10.01 20.23
N PRO A 186 40.00 9.43 21.43
CA PRO A 186 39.79 10.28 22.61
C PRO A 186 41.00 11.17 22.86
N LYS A 187 40.74 12.41 23.26
CA LYS A 187 41.76 13.30 23.80
C LYS A 187 41.73 13.02 25.31
N THR A 188 42.89 12.68 25.90
CA THR A 188 42.92 12.21 27.29
C THR A 188 43.71 13.16 28.21
N HIS A 189 43.33 13.22 29.47
CA HIS A 189 44.15 13.92 30.49
C HIS A 189 43.82 13.38 31.83
N MET A 190 44.65 13.72 32.81
CA MET A 190 44.39 13.35 34.19
C MET A 190 44.22 14.57 35.07
N THR A 191 43.38 14.44 36.10
CA THR A 191 43.32 15.40 37.18
C THR A 191 43.73 14.71 38.49
N HIS A 192 44.11 15.52 39.48
CA HIS A 192 44.66 15.01 40.73
C HIS A 192 44.29 15.94 41.85
N HIS A 193 43.52 15.43 42.81
CA HIS A 193 43.02 16.27 43.91
C HIS A 193 43.29 15.59 45.23
N PRO A 194 44.08 16.25 46.10
CA PRO A 194 44.26 15.71 47.45
C PRO A 194 42.91 15.75 48.15
N ILE A 195 42.56 14.69 48.88
CA ILE A 195 41.31 14.70 49.65
C ILE A 195 41.55 14.70 51.16
N SER A 196 42.80 14.41 51.54
CA SER A 196 43.26 14.39 52.93
C SER A 196 44.78 14.48 52.83
N ASP A 197 45.48 14.47 53.95
CA ASP A 197 46.94 14.47 53.89
C ASP A 197 47.56 13.09 53.61
N HIS A 198 46.71 12.07 53.45
CA HIS A 198 47.18 10.72 53.13
C HIS A 198 46.53 10.05 51.93
N GLU A 199 45.55 10.72 51.33
CA GLU A 199 44.89 10.21 50.11
C GLU A 199 44.60 11.26 49.06
N ALA A 200 44.54 10.85 47.80
CA ALA A 200 44.26 11.74 46.68
C ALA A 200 43.44 11.04 45.59
N THR A 201 42.61 11.80 44.90
CA THR A 201 41.87 11.29 43.75
C THR A 201 42.68 11.47 42.47
N LEU A 202 42.80 10.39 41.71
CA LEU A 202 43.23 10.47 40.33
C LEU A 202 42.04 10.21 39.43
N ARG A 203 41.77 11.12 38.50
CA ARG A 203 40.68 10.94 37.53
C ARG A 203 41.24 11.00 36.11
N CYS A 204 40.91 9.99 35.34
CA CYS A 204 41.40 9.82 33.98
C CYS A 204 40.27 10.12 33.00
N TRP A 205 40.48 11.10 32.13
CA TRP A 205 39.45 11.57 31.21
C TRP A 205 39.66 11.16 29.79
N ALA A 206 38.58 10.77 29.12
CA ALA A 206 38.59 10.61 27.66
C ALA A 206 37.52 11.52 27.08
N LEU A 207 37.90 12.36 26.12
CA LEU A 207 36.99 13.36 25.56
C LEU A 207 37.04 13.43 24.03
N GLY A 208 35.97 13.94 23.43
CA GLY A 208 35.88 14.17 21.99
C GLY A 208 36.01 12.94 21.09
N PHE A 209 35.64 11.77 21.60
CA PHE A 209 35.77 10.52 20.84
C PHE A 209 34.50 10.08 20.10
N TYR A 210 34.71 9.37 18.99
CA TYR A 210 33.60 8.78 18.23
C TYR A 210 34.17 7.56 17.51
N PRO A 211 33.45 6.42 17.53
CA PRO A 211 32.16 6.13 18.17
C PRO A 211 32.21 6.04 19.70
N ALA A 212 31.07 5.72 20.31
CA ALA A 212 30.89 5.77 21.76
C ALA A 212 31.62 4.67 22.51
N GLU A 213 31.74 3.51 21.87
CA GLU A 213 32.41 2.38 22.48
C GLU A 213 33.85 2.73 22.92
N ILE A 214 34.14 2.49 24.20
CA ILE A 214 35.45 2.79 24.78
C ILE A 214 35.65 1.97 26.07
N THR A 215 36.91 1.75 26.43
CA THR A 215 37.22 1.12 27.71
C THR A 215 38.25 1.94 28.46
N LEU A 216 37.94 2.27 29.72
CA LEU A 216 38.83 2.99 30.63
C LEU A 216 39.08 2.11 31.82
N THR A 217 40.34 1.82 32.10
CA THR A 217 40.67 0.91 33.19
C THR A 217 41.83 1.46 33.98
N TRP A 218 41.68 1.48 35.30
CA TRP A 218 42.78 1.76 36.21
C TRP A 218 43.40 0.47 36.67
N GLN A 219 44.73 0.42 36.71
CA GLN A 219 45.45 -0.73 37.27
C GLN A 219 46.48 -0.28 38.30
N ARG A 220 46.54 -0.98 39.43
CA ARG A 220 47.53 -0.74 40.50
C ARG A 220 48.50 -1.90 40.59
N ASP A 221 49.79 -1.60 40.48
CA ASP A 221 50.83 -2.63 40.40
C ASP A 221 50.46 -3.65 39.32
N GLY A 222 49.60 -3.20 38.39
CA GLY A 222 49.13 -4.02 37.28
C GLY A 222 47.89 -4.84 37.62
N GLU A 223 47.37 -4.65 38.83
CA GLU A 223 46.25 -5.46 39.32
C GLU A 223 44.87 -4.78 39.30
N ASP A 224 43.85 -5.62 39.50
CA ASP A 224 42.46 -5.27 39.36
C ASP A 224 42.00 -4.19 40.34
N GLN A 225 41.33 -3.18 39.80
CA GLN A 225 40.84 -2.05 40.60
C GLN A 225 39.33 -1.83 40.43
N THR A 226 38.60 -2.86 40.00
CA THR A 226 37.16 -2.74 39.69
C THR A 226 36.31 -2.18 40.84
N GLN A 227 36.39 -2.82 42.01
CA GLN A 227 35.64 -2.39 43.19
C GLN A 227 36.01 -1.00 43.68
N ASP A 228 37.24 -0.60 43.39
CA ASP A 228 37.75 0.69 43.84
C ASP A 228 37.70 1.78 42.75
N THR A 229 37.24 1.44 41.54
CA THR A 229 37.14 2.44 40.47
C THR A 229 35.74 3.05 40.40
N GLU A 230 35.71 4.38 40.45
CA GLU A 230 34.50 5.18 40.21
C GLU A 230 34.45 5.41 38.69
N LEU A 231 33.42 4.91 38.02
CA LEU A 231 33.34 4.96 36.55
C LEU A 231 31.99 5.51 36.13
N VAL A 232 31.95 6.60 35.37
CA VAL A 232 30.67 7.11 34.88
C VAL A 232 30.30 6.45 33.56
N GLU A 233 28.99 6.37 33.29
CA GLU A 233 28.52 5.90 32.00
C GLU A 233 28.98 6.87 30.91
N THR A 234 29.35 6.31 29.76
CA THR A 234 29.73 7.11 28.59
C THR A 234 28.60 8.05 28.25
N ARG A 235 28.92 9.31 27.98
CA ARG A 235 27.89 10.32 27.84
C ARG A 235 28.14 11.20 26.61
N PRO A 236 27.04 11.69 25.99
CA PRO A 236 27.20 12.54 24.82
C PRO A 236 27.68 13.95 25.19
N ALA A 237 28.62 14.46 24.42
CA ALA A 237 29.10 15.83 24.61
C ALA A 237 28.09 16.85 24.07
N GLY A 238 27.28 16.42 23.09
CA GLY A 238 26.30 17.29 22.44
C GLY A 238 26.69 17.78 21.05
N ASP A 239 27.95 17.52 20.68
CA ASP A 239 28.51 17.94 19.38
C ASP A 239 28.82 16.74 18.47
N GLY A 240 28.21 15.60 18.76
CA GLY A 240 28.50 14.39 18.00
C GLY A 240 29.55 13.47 18.61
N THR A 241 30.25 13.93 19.65
CA THR A 241 31.27 13.09 20.31
C THR A 241 30.85 12.65 21.72
N PHE A 242 31.66 11.80 22.35
CA PHE A 242 31.30 11.23 23.65
C PHE A 242 32.39 11.50 24.68
N GLN A 243 32.05 11.35 25.95
CA GLN A 243 32.98 11.55 27.06
C GLN A 243 32.90 10.38 28.03
N LYS A 244 33.97 10.14 28.78
CA LYS A 244 33.94 9.20 29.88
C LYS A 244 35.10 9.50 30.82
N TRP A 245 34.94 9.18 32.09
CA TRP A 245 36.05 9.20 33.04
C TRP A 245 36.03 8.07 34.03
N ALA A 246 37.21 7.79 34.59
CA ALA A 246 37.37 6.77 35.61
C ALA A 246 38.25 7.34 36.70
N ALA A 247 37.92 7.09 37.96
CA ALA A 247 38.68 7.68 39.06
C ALA A 247 39.03 6.67 40.13
N VAL A 248 40.22 6.83 40.71
CA VAL A 248 40.64 6.00 41.83
C VAL A 248 41.15 6.89 42.96
N VAL A 249 40.94 6.43 44.19
CA VAL A 249 41.50 7.13 45.35
C VAL A 249 42.78 6.40 45.74
N VAL A 250 43.89 7.12 45.85
CA VAL A 250 45.18 6.47 46.05
C VAL A 250 45.90 7.02 47.28
N PRO A 251 46.83 6.24 47.86
CA PRO A 251 47.62 6.80 48.95
C PRO A 251 48.55 7.89 48.42
N SER A 252 48.61 9.03 49.13
CA SER A 252 49.48 10.12 48.75
C SER A 252 50.91 9.63 48.59
N GLY A 253 51.54 10.00 47.49
CA GLY A 253 52.91 9.62 47.21
C GLY A 253 53.05 8.33 46.43
N GLU A 254 51.92 7.67 46.15
CA GLU A 254 51.93 6.40 45.42
C GLU A 254 51.30 6.52 44.03
N GLU A 255 51.17 7.75 43.55
CA GLU A 255 50.51 8.01 42.27
C GLU A 255 51.15 7.25 41.11
N GLN A 256 52.48 7.16 41.12
CA GLN A 256 53.22 6.51 40.04
C GLN A 256 52.94 5.02 39.92
N ARG A 257 52.27 4.44 40.90
CA ARG A 257 51.97 3.01 40.87
C ARG A 257 50.71 2.70 40.06
N TYR A 258 49.96 3.74 39.68
CA TYR A 258 48.69 3.56 38.99
C TYR A 258 48.78 3.96 37.53
N THR A 259 48.15 3.15 36.67
CA THR A 259 48.09 3.42 35.25
C THR A 259 46.64 3.35 34.78
N CYS A 260 46.29 4.30 33.93
CA CYS A 260 44.97 4.33 33.33
C CYS A 260 45.12 3.86 31.89
N HIS A 261 44.34 2.84 31.54
CA HIS A 261 44.39 2.23 30.22
C HIS A 261 43.19 2.60 29.40
N VAL A 262 43.45 3.13 28.20
CA VAL A 262 42.40 3.65 27.32
C VAL A 262 42.41 2.86 26.01
N GLN A 263 41.30 2.17 25.73
CA GLN A 263 41.16 1.46 24.46
C GLN A 263 40.01 2.04 23.65
N HIS A 264 40.29 2.38 22.39
CA HIS A 264 39.30 2.93 21.48
C HIS A 264 39.66 2.64 20.05
N GLU A 265 38.63 2.41 19.23
CA GLU A 265 38.78 2.06 17.82
C GLU A 265 39.66 3.03 17.03
N GLY A 266 39.65 4.31 17.43
CA GLY A 266 40.41 5.34 16.74
C GLY A 266 41.86 5.49 17.13
N LEU A 267 42.29 4.70 18.12
CA LEU A 267 43.69 4.70 18.55
C LEU A 267 44.47 3.59 17.83
N PRO A 268 45.66 3.93 17.28
CA PRO A 268 46.54 2.92 16.68
C PRO A 268 46.91 1.86 17.72
N LYS A 269 47.34 2.33 18.89
CA LYS A 269 47.59 1.46 20.04
C LYS A 269 46.94 2.06 21.30
N PRO A 270 46.59 1.21 22.28
CA PRO A 270 46.02 1.69 23.53
C PRO A 270 46.93 2.69 24.21
N LEU A 271 46.33 3.61 24.97
CA LEU A 271 47.10 4.59 25.73
C LEU A 271 47.28 4.10 27.17
N THR A 272 48.42 4.47 27.77
CA THR A 272 48.66 4.22 29.19
C THR A 272 49.03 5.57 29.82
N LEU A 273 48.23 5.98 30.79
CA LEU A 273 48.41 7.27 31.45
C LEU A 273 48.81 7.05 32.90
N ARG A 274 49.80 7.82 33.35
CA ARG A 274 50.36 7.71 34.68
C ARG A 274 50.67 9.12 35.20
N TRP A 275 50.18 9.45 36.39
CA TRP A 275 50.43 10.75 37.00
C TRP A 275 51.85 10.92 37.49
N MET B 1 3.48 -3.13 35.31
CA MET B 1 3.91 -1.74 35.00
C MET B 1 5.30 -1.46 35.56
N ILE B 2 6.27 -1.35 34.66
CA ILE B 2 7.64 -1.02 35.04
C ILE B 2 7.77 0.46 35.45
N GLN B 3 8.53 0.71 36.51
CA GLN B 3 9.04 2.06 36.81
C GLN B 3 10.53 1.95 37.07
N ARG B 4 11.32 2.77 36.38
CA ARG B 4 12.78 2.79 36.54
C ARG B 4 13.25 4.23 36.75
N THR B 5 14.06 4.48 37.79
CA THR B 5 14.48 5.84 38.15
C THR B 5 15.62 6.33 37.24
N PRO B 6 15.62 7.62 36.86
CA PRO B 6 16.68 8.10 35.95
C PRO B 6 18.07 8.13 36.60
N LYS B 7 19.09 7.76 35.84
CA LYS B 7 20.46 8.12 36.17
C LYS B 7 20.66 9.54 35.67
N ILE B 8 21.47 10.34 36.36
CA ILE B 8 21.61 11.75 36.02
C ILE B 8 23.07 12.13 36.01
N GLN B 9 23.52 12.78 34.94
CA GLN B 9 24.82 13.43 34.95
C GLN B 9 24.67 14.87 34.48
N VAL B 10 25.37 15.79 35.14
CA VAL B 10 25.40 17.19 34.75
C VAL B 10 26.85 17.56 34.55
N TYR B 11 27.17 18.15 33.40
CA TYR B 11 28.55 18.35 32.97
C TYR B 11 28.60 19.34 31.82
N SER B 12 29.79 19.84 31.53
CA SER B 12 29.95 20.76 30.41
C SER B 12 30.47 20.04 29.15
N ARG B 13 30.24 20.64 27.99
CA ARG B 13 30.71 20.05 26.73
C ARG B 13 32.23 20.06 26.66
N HIS B 14 32.81 21.19 27.04
CA HIS B 14 34.26 21.37 27.05
C HIS B 14 34.72 21.63 28.46
N PRO B 15 36.01 21.36 28.76
CA PRO B 15 36.50 21.70 30.09
C PRO B 15 36.25 23.18 30.34
N ALA B 16 35.72 23.48 31.52
CA ALA B 16 35.33 24.83 31.88
C ALA B 16 36.54 25.76 31.93
N GLU B 17 36.37 26.93 31.33
CA GLU B 17 37.33 27.99 31.46
C GLU B 17 36.52 29.24 31.75
N ASN B 18 36.77 29.86 32.91
CA ASN B 18 36.02 31.04 33.32
C ASN B 18 36.02 32.13 32.27
N GLY B 19 34.83 32.61 31.91
CA GLY B 19 34.70 33.64 30.88
C GLY B 19 34.61 33.16 29.44
N LYS B 20 34.76 31.85 29.21
CA LYS B 20 34.63 31.28 27.86
C LYS B 20 33.29 30.56 27.65
N SER B 21 32.61 30.88 26.55
CA SER B 21 31.33 30.24 26.24
C SER B 21 31.48 28.72 26.07
N ASN B 22 30.44 27.99 26.47
CA ASN B 22 30.51 26.54 26.62
C ASN B 22 29.07 26.04 26.53
N PHE B 23 28.85 24.75 26.75
CA PHE B 23 27.50 24.22 26.83
C PHE B 23 27.38 23.44 28.11
N LEU B 24 26.27 23.64 28.79
CA LEU B 24 25.95 22.88 30.00
C LEU B 24 24.95 21.79 29.65
N ASN B 25 25.28 20.56 30.04
CA ASN B 25 24.50 19.36 29.71
C ASN B 25 23.91 18.69 30.95
N CYS B 26 22.70 18.14 30.80
CA CYS B 26 22.20 17.16 31.76
C CYS B 26 21.74 15.96 30.97
N TYR B 27 22.37 14.83 31.24
CA TYR B 27 22.08 13.59 30.53
C TYR B 27 21.32 12.69 31.49
N VAL B 28 20.07 12.38 31.14
CA VAL B 28 19.23 11.50 31.96
C VAL B 28 18.99 10.22 31.18
N SER B 29 19.13 9.08 31.86
CA SER B 29 19.07 7.81 31.15
C SER B 29 18.54 6.70 32.06
N GLY B 30 18.16 5.57 31.48
CA GLY B 30 17.76 4.42 32.26
C GLY B 30 16.40 4.53 32.92
N PHE B 31 15.55 5.44 32.44
CA PHE B 31 14.26 5.70 33.07
C PHE B 31 13.03 5.18 32.29
N HIS B 32 11.94 5.01 33.04
CA HIS B 32 10.63 4.57 32.53
C HIS B 32 9.60 4.87 33.58
N PRO B 33 8.46 5.49 33.21
CA PRO B 33 8.02 5.86 31.87
C PRO B 33 8.77 7.08 31.30
N SER B 34 8.44 7.44 30.07
CA SER B 34 9.21 8.45 29.34
C SER B 34 8.92 9.89 29.79
N ASP B 35 7.76 10.13 30.38
CA ASP B 35 7.38 11.47 30.88
C ASP B 35 8.39 11.91 31.93
N ILE B 36 9.02 13.05 31.69
CA ILE B 36 10.09 13.54 32.58
C ILE B 36 10.20 15.06 32.42
N GLU B 37 10.61 15.75 33.48
CA GLU B 37 10.97 17.16 33.36
C GLU B 37 12.41 17.34 33.80
N VAL B 38 13.18 18.05 32.98
CA VAL B 38 14.59 18.25 33.29
C VAL B 38 14.89 19.73 33.10
N ASP B 39 15.27 20.40 34.18
CA ASP B 39 15.57 21.82 34.16
C ASP B 39 17.02 22.06 34.53
N LEU B 40 17.65 23.05 33.89
CA LEU B 40 18.99 23.47 34.26
C LEU B 40 18.85 24.75 35.05
N LEU B 41 19.64 24.87 36.12
CA LEU B 41 19.55 25.98 37.06
C LEU B 41 20.85 26.75 37.12
N LYS B 42 20.74 28.09 37.17
CA LYS B 42 21.88 28.97 37.36
C LYS B 42 21.65 29.72 38.67
N ASN B 43 22.53 29.52 39.65
CA ASN B 43 22.35 30.11 40.98
C ASN B 43 20.94 29.82 41.53
N GLY B 44 20.48 28.59 41.34
CA GLY B 44 19.19 28.15 41.87
C GLY B 44 17.96 28.50 41.05
N GLU B 45 18.14 29.32 40.01
CA GLU B 45 17.02 29.76 39.20
C GLU B 45 16.97 29.06 37.85
N ARG B 46 15.76 28.72 37.41
CA ARG B 46 15.61 27.93 36.20
C ARG B 46 15.97 28.68 34.92
N ILE B 47 16.78 28.04 34.08
CA ILE B 47 17.24 28.63 32.82
C ILE B 47 16.14 28.41 31.80
N GLU B 48 15.78 29.48 31.08
CA GLU B 48 14.66 29.42 30.14
C GLU B 48 15.04 28.71 28.85
N LYS B 49 16.19 29.05 28.29
CA LYS B 49 16.56 28.58 26.97
C LYS B 49 17.31 27.25 27.03
N VAL B 50 16.56 26.16 27.18
CA VAL B 50 17.15 24.82 27.29
C VAL B 50 16.54 23.95 26.20
N GLU B 51 17.38 23.29 25.42
CA GLU B 51 16.87 22.36 24.42
C GLU B 51 17.18 20.94 24.82
N HIS B 52 16.58 19.98 24.11
CA HIS B 52 16.85 18.58 24.38
C HIS B 52 16.86 17.75 23.14
N SER B 53 17.53 16.62 23.24
CA SER B 53 17.58 15.65 22.15
C SER B 53 16.23 14.95 21.98
N ASP B 54 16.05 14.30 20.83
CA ASP B 54 14.82 13.58 20.53
C ASP B 54 14.77 12.29 21.35
N LEU B 55 13.61 11.95 21.89
CA LEU B 55 13.46 10.77 22.76
C LEU B 55 13.97 9.49 22.08
N SER B 56 14.82 8.75 22.79
CA SER B 56 15.30 7.49 22.26
C SER B 56 15.44 6.56 23.44
N PHE B 57 15.92 5.36 23.18
CA PHE B 57 16.05 4.38 24.25
C PHE B 57 17.14 3.36 23.95
N SER B 58 17.56 2.70 25.02
CA SER B 58 18.61 1.69 24.99
C SER B 58 18.09 0.29 24.71
N LYS B 59 19.00 -0.67 24.70
CA LYS B 59 18.69 -2.06 24.43
C LYS B 59 17.64 -2.61 25.39
N ASP B 60 17.70 -2.18 26.65
CA ASP B 60 16.78 -2.66 27.68
C ASP B 60 15.45 -1.92 27.73
N TRP B 61 15.18 -1.09 26.72
CA TRP B 61 13.97 -0.28 26.59
C TRP B 61 13.90 0.98 27.44
N SER B 62 14.87 1.19 28.33
CA SER B 62 14.89 2.41 29.14
C SER B 62 15.31 3.64 28.31
N PHE B 63 14.70 4.79 28.62
CA PHE B 63 14.85 6.00 27.80
C PHE B 63 16.07 6.82 28.16
N TYR B 64 16.55 7.63 27.22
CA TYR B 64 17.57 8.61 27.52
C TYR B 64 17.35 9.90 26.75
N LEU B 65 17.77 10.99 27.37
CA LEU B 65 17.65 12.34 26.81
C LEU B 65 18.82 13.18 27.25
N LEU B 66 19.33 13.98 26.32
CA LEU B 66 20.25 15.06 26.66
C LEU B 66 19.55 16.42 26.63
N TYR B 67 19.64 17.14 27.73
CA TYR B 67 19.22 18.54 27.79
C TYR B 67 20.44 19.44 27.84
N TYR B 68 20.38 20.59 27.19
CA TYR B 68 21.57 21.43 27.06
C TYR B 68 21.25 22.90 26.87
N THR B 69 22.19 23.74 27.25
CA THR B 69 22.05 25.18 27.10
C THR B 69 23.43 25.79 26.95
N GLU B 70 23.52 26.93 26.26
CA GLU B 70 24.78 27.64 26.11
C GLU B 70 25.00 28.36 27.43
N PHE B 71 26.24 28.41 27.88
CA PHE B 71 26.55 29.10 29.13
C PHE B 71 28.01 29.54 29.14
N THR B 72 28.29 30.60 29.89
CA THR B 72 29.65 31.03 30.11
C THR B 72 29.97 30.90 31.59
N PRO B 73 30.65 29.81 31.99
CA PRO B 73 31.03 29.64 33.38
C PRO B 73 31.90 30.78 33.91
N THR B 74 31.71 31.12 35.18
CA THR B 74 32.52 32.12 35.88
C THR B 74 32.96 31.51 37.21
N GLU B 75 33.85 32.19 37.95
CA GLU B 75 34.34 31.63 39.23
C GLU B 75 33.23 31.32 40.23
N LYS B 76 32.24 32.20 40.34
CA LYS B 76 31.26 32.08 41.43
C LYS B 76 29.84 31.61 41.07
N ASP B 77 29.50 31.58 39.78
CA ASP B 77 28.19 31.05 39.37
C ASP B 77 28.10 29.55 39.61
N GLU B 78 27.00 29.10 40.18
CA GLU B 78 26.74 27.69 40.45
C GLU B 78 25.66 27.17 39.52
N TYR B 79 25.87 25.97 39.01
CA TYR B 79 24.93 25.36 38.08
C TYR B 79 24.49 24.00 38.61
N ALA B 80 23.26 23.61 38.27
CA ALA B 80 22.68 22.33 38.69
C ALA B 80 21.65 21.86 37.66
N CYS B 81 21.26 20.57 37.77
CA CYS B 81 20.17 20.00 36.99
C CYS B 81 19.08 19.66 38.01
N ARG B 82 17.82 19.84 37.64
CA ARG B 82 16.73 19.41 38.50
C ARG B 82 15.83 18.45 37.73
N VAL B 83 15.67 17.23 38.24
CA VAL B 83 14.99 16.17 37.50
C VAL B 83 13.71 15.76 38.18
N ASN B 84 12.61 15.90 37.47
CA ASN B 84 11.30 15.60 38.00
C ASN B 84 10.75 14.36 37.28
N HIS B 85 10.51 13.29 38.05
CA HIS B 85 10.06 12.00 37.49
C HIS B 85 9.20 11.28 38.49
N VAL B 86 8.24 10.52 37.99
CA VAL B 86 7.28 9.79 38.84
C VAL B 86 7.96 8.88 39.88
N THR B 87 9.18 8.43 39.58
CA THR B 87 9.93 7.56 40.51
C THR B 87 10.57 8.29 41.71
N LEU B 88 10.50 9.61 41.72
CA LEU B 88 11.14 10.41 42.77
C LEU B 88 10.10 11.19 43.59
N SER B 89 10.15 11.04 44.93
CA SER B 89 9.23 11.76 45.82
C SER B 89 9.31 13.26 45.69
N GLN B 90 10.53 13.74 45.48
CA GLN B 90 10.79 15.12 45.14
C GLN B 90 11.82 15.15 44.01
N PRO B 91 11.87 16.26 43.27
CA PRO B 91 12.85 16.32 42.19
C PRO B 91 14.27 16.14 42.71
N LYS B 92 15.09 15.47 41.93
CA LYS B 92 16.48 15.28 42.29
C LYS B 92 17.30 16.43 41.71
N ILE B 93 18.04 17.13 42.58
CA ILE B 93 18.88 18.24 42.16
C ILE B 93 20.34 17.82 42.28
N VAL B 94 21.07 17.90 41.17
CA VAL B 94 22.48 17.52 41.12
C VAL B 94 23.31 18.72 40.70
N LYS B 95 24.30 19.07 41.52
CA LYS B 95 25.12 20.26 41.25
C LYS B 95 26.17 19.93 40.23
N TRP B 96 26.49 20.90 39.37
CA TRP B 96 27.62 20.77 38.42
C TRP B 96 28.95 20.90 39.11
N ASP B 97 29.80 19.90 38.90
CA ASP B 97 31.21 19.93 39.31
C ASP B 97 32.05 19.97 38.02
N ARG B 98 32.97 20.94 37.92
CA ARG B 98 33.75 21.15 36.69
C ARG B 98 34.68 19.99 36.34
N ASP B 99 35.00 19.18 37.35
CA ASP B 99 35.84 17.99 37.11
C ASP B 99 35.10 16.66 37.24
N MET B 100 33.81 16.70 36.92
CA MET B 100 32.98 15.51 36.91
C MET B 100 32.00 15.49 35.73
N LYS C 2 8.24 8.10 -11.62
CA LYS C 2 9.53 7.37 -11.77
C LYS C 2 9.30 5.88 -12.10
N GLN C 3 8.42 5.22 -11.35
CA GLN C 3 8.08 3.82 -11.65
C GLN C 3 7.18 3.79 -12.86
N GLU C 4 7.53 2.97 -13.83
CA GLU C 4 6.70 2.77 -15.00
C GLU C 4 6.46 1.29 -15.14
N VAL C 5 5.19 0.89 -15.16
CA VAL C 5 4.82 -0.52 -15.31
C VAL C 5 4.36 -0.71 -16.76
N THR C 6 4.97 -1.69 -17.43
CA THR C 6 4.75 -1.92 -18.87
C THR C 6 4.26 -3.34 -19.13
N GLN C 7 3.24 -3.47 -19.98
CA GLN C 7 2.67 -4.77 -20.32
C GLN C 7 2.62 -4.92 -21.84
N ILE C 8 3.61 -5.62 -22.38
CA ILE C 8 3.77 -5.76 -23.83
C ILE C 8 3.96 -7.24 -24.15
N PRO C 9 3.22 -7.76 -25.14
CA PRO C 9 2.22 -7.07 -25.96
C PRO C 9 0.98 -6.66 -25.16
N ALA C 10 0.32 -5.62 -25.65
CA ALA C 10 -0.86 -5.07 -24.99
C ALA C 10 -2.15 -5.78 -25.41
N ALA C 11 -2.13 -6.55 -26.51
CA ALA C 11 -3.32 -7.32 -26.89
C ALA C 11 -2.90 -8.62 -27.54
N LEU C 12 -3.62 -9.69 -27.22
CA LEU C 12 -3.28 -11.03 -27.69
C LEU C 12 -4.55 -11.69 -28.20
N SER C 13 -4.43 -12.47 -29.28
CA SER C 13 -5.50 -13.37 -29.73
C SER C 13 -4.86 -14.72 -29.94
N VAL C 14 -5.32 -15.74 -29.21
CA VAL C 14 -4.63 -17.03 -29.20
C VAL C 14 -5.67 -18.16 -29.35
N PRO C 15 -5.25 -19.33 -29.87
CA PRO C 15 -6.18 -20.47 -29.91
C PRO C 15 -6.34 -21.11 -28.54
N GLU C 16 -7.57 -21.51 -28.21
CA GLU C 16 -7.85 -22.21 -26.96
C GLU C 16 -6.91 -23.41 -26.79
N GLY C 17 -6.48 -23.62 -25.55
CA GLY C 17 -5.63 -24.74 -25.19
C GLY C 17 -4.16 -24.37 -25.12
N GLU C 18 -3.76 -23.30 -25.81
CA GLU C 18 -2.37 -22.85 -25.73
C GLU C 18 -2.00 -22.48 -24.28
N ASN C 19 -0.77 -22.82 -23.89
CA ASN C 19 -0.22 -22.44 -22.59
C ASN C 19 0.39 -21.06 -22.72
N LEU C 20 -0.19 -20.08 -22.03
CA LEU C 20 0.13 -18.68 -22.32
C LEU C 20 1.11 -18.04 -21.36
N VAL C 21 1.78 -17.01 -21.86
CA VAL C 21 2.65 -16.18 -21.05
C VAL C 21 2.21 -14.73 -21.26
N LEU C 22 2.04 -13.98 -20.16
CA LEU C 22 1.75 -12.56 -20.25
C LEU C 22 2.82 -11.80 -19.49
N ASN C 23 3.26 -10.67 -20.04
CA ASN C 23 4.46 -10.01 -19.55
C ASN C 23 4.20 -8.77 -18.72
N CYS C 24 5.01 -8.57 -17.70
CA CYS C 24 4.98 -7.32 -16.93
C CYS C 24 6.42 -6.90 -16.68
N SER C 25 6.71 -5.62 -16.88
CA SER C 25 8.02 -5.11 -16.54
C SER C 25 7.89 -3.79 -15.80
N PHE C 26 8.88 -3.50 -14.97
CA PHE C 26 8.82 -2.28 -14.18
C PHE C 26 10.24 -1.72 -14.10
N THR C 27 10.34 -0.41 -14.18
CA THR C 27 11.65 0.26 -14.28
C THR C 27 12.41 0.37 -12.96
N ASP C 28 11.68 0.34 -11.85
CA ASP C 28 12.31 0.48 -10.53
C ASP C 28 12.18 -0.84 -9.78
N SER C 29 13.32 -1.47 -9.47
CA SER C 29 13.35 -2.80 -8.85
C SER C 29 12.95 -2.84 -7.38
N ALA C 30 12.94 -1.68 -6.74
CA ALA C 30 12.69 -1.59 -5.29
C ALA C 30 11.21 -1.72 -4.95
N ILE C 31 10.63 -2.87 -5.30
CA ILE C 31 9.22 -3.14 -5.05
C ILE C 31 9.03 -4.04 -3.84
N TYR C 32 7.93 -3.82 -3.15
CA TYR C 32 7.54 -4.62 -2.00
C TYR C 32 6.79 -5.88 -2.42
N ASN C 33 5.84 -5.73 -3.32
CA ASN C 33 5.09 -6.88 -3.84
C ASN C 33 4.46 -6.52 -5.17
N LEU C 34 3.90 -7.53 -5.83
CA LEU C 34 3.25 -7.35 -7.12
C LEU C 34 1.94 -8.12 -7.09
N GLN C 35 0.92 -7.58 -7.76
CA GLN C 35 -0.39 -8.21 -7.79
C GLN C 35 -0.91 -8.23 -9.23
N TRP C 36 -1.44 -9.39 -9.64
CA TRP C 36 -2.09 -9.53 -10.93
C TRP C 36 -3.58 -9.57 -10.75
N PHE C 37 -4.29 -8.92 -11.68
CA PHE C 37 -5.74 -8.83 -11.65
C PHE C 37 -6.29 -9.15 -13.04
N ARG C 38 -7.53 -9.61 -13.09
CA ARG C 38 -8.25 -9.61 -14.35
C ARG C 38 -9.46 -8.69 -14.27
N GLN C 39 -9.84 -8.17 -15.44
CA GLN C 39 -10.94 -7.22 -15.54
C GLN C 39 -11.71 -7.51 -16.82
N ASP C 40 -13.01 -7.77 -16.64
CA ASP C 40 -13.93 -7.94 -17.76
C ASP C 40 -14.50 -6.57 -18.12
N PRO C 41 -14.78 -6.32 -19.42
CA PRO C 41 -15.29 -5.00 -19.83
C PRO C 41 -16.48 -4.54 -18.99
N GLY C 42 -16.46 -3.26 -18.63
CA GLY C 42 -17.52 -2.64 -17.82
C GLY C 42 -17.50 -2.96 -16.33
N LYS C 43 -16.63 -3.89 -15.93
CA LYS C 43 -16.64 -4.39 -14.54
C LYS C 43 -15.43 -3.91 -13.74
N GLY C 44 -15.31 -4.40 -12.51
CA GLY C 44 -14.21 -4.06 -11.62
C GLY C 44 -13.09 -5.06 -11.74
N LEU C 45 -12.19 -5.06 -10.76
CA LEU C 45 -11.00 -5.89 -10.81
C LEU C 45 -11.14 -7.11 -9.90
N THR C 46 -10.68 -8.25 -10.41
CA THR C 46 -10.63 -9.48 -9.64
C THR C 46 -9.18 -9.81 -9.40
N SER C 47 -8.81 -9.89 -8.13
CA SER C 47 -7.45 -10.26 -7.76
C SER C 47 -7.18 -11.72 -8.11
N LEU C 48 -6.05 -11.97 -8.78
CA LEU C 48 -5.70 -13.33 -9.22
C LEU C 48 -4.56 -13.94 -8.40
N LEU C 49 -3.47 -13.19 -8.23
CA LEU C 49 -2.27 -13.67 -7.53
C LEU C 49 -1.54 -12.48 -6.92
N LEU C 50 -0.92 -12.69 -5.76
CA LEU C 50 -0.02 -11.71 -5.18
C LEU C 50 1.35 -12.38 -4.98
N ILE C 51 2.42 -11.71 -5.40
CA ILE C 51 3.78 -12.21 -5.19
C ILE C 51 4.55 -11.23 -4.33
N GLN C 52 5.01 -11.70 -3.17
CA GLN C 52 5.82 -10.88 -2.25
C GLN C 52 7.26 -10.81 -2.77
N SER C 53 7.97 -9.73 -2.45
CA SER C 53 9.32 -9.52 -2.96
C SER C 53 10.33 -10.61 -2.55
N SER C 54 9.97 -11.39 -1.53
CA SER C 54 10.80 -12.51 -1.06
C SER C 54 10.41 -13.85 -1.70
N GLN C 55 9.43 -13.81 -2.61
CA GLN C 55 8.97 -15.01 -3.31
C GLN C 55 9.38 -14.95 -4.77
N ARG C 56 9.66 -16.10 -5.36
CA ARG C 56 10.04 -16.17 -6.76
C ARG C 56 8.86 -16.55 -7.65
N GLU C 57 7.86 -17.20 -7.06
CA GLU C 57 6.66 -17.62 -7.80
C GLU C 57 5.47 -17.86 -6.89
N GLN C 58 4.28 -17.90 -7.48
CA GLN C 58 3.02 -18.15 -6.78
C GLN C 58 2.10 -18.86 -7.76
N THR C 59 1.26 -19.76 -7.27
CA THR C 59 0.41 -20.56 -8.14
C THR C 59 -1.02 -20.57 -7.62
N SER C 60 -1.98 -20.63 -8.54
CA SER C 60 -3.39 -20.78 -8.19
C SER C 60 -4.18 -21.40 -9.34
N GLY C 61 -4.45 -22.69 -9.24
CA GLY C 61 -5.17 -23.41 -10.30
C GLY C 61 -4.34 -23.46 -11.57
N ARG C 62 -4.89 -22.91 -12.66
CA ARG C 62 -4.20 -22.93 -13.95
C ARG C 62 -3.24 -21.74 -14.09
N LEU C 63 -3.20 -20.88 -13.07
CA LEU C 63 -2.36 -19.68 -13.07
C LEU C 63 -1.09 -19.82 -12.23
N ASN C 64 0.04 -19.41 -12.80
CA ASN C 64 1.32 -19.27 -12.08
C ASN C 64 1.83 -17.89 -12.37
N ALA C 65 2.50 -17.28 -11.41
CA ALA C 65 3.22 -16.06 -11.73
C ALA C 65 4.61 -16.12 -11.17
N SER C 66 5.58 -15.62 -11.93
CA SER C 66 6.96 -15.52 -11.44
C SER C 66 7.34 -14.07 -11.17
N LEU C 67 8.37 -13.87 -10.34
CA LEU C 67 8.90 -12.52 -10.12
C LEU C 67 10.43 -12.55 -10.13
N ASP C 68 11.02 -11.63 -10.89
CA ASP C 68 12.46 -11.41 -10.90
C ASP C 68 12.69 -9.94 -10.63
N LYS C 69 12.85 -9.61 -9.35
CA LYS C 69 13.01 -8.21 -8.92
C LYS C 69 14.15 -7.48 -9.61
N SER C 70 15.35 -8.03 -9.58
CA SER C 70 16.53 -7.33 -10.10
C SER C 70 16.45 -7.08 -11.61
N SER C 71 15.73 -7.96 -12.32
CA SER C 71 15.51 -7.81 -13.75
C SER C 71 14.28 -6.97 -14.06
N GLY C 72 13.48 -6.66 -13.04
CA GLY C 72 12.30 -5.83 -13.21
C GLY C 72 11.19 -6.49 -14.03
N ARG C 73 10.98 -7.80 -13.83
CA ARG C 73 9.99 -8.56 -14.61
C ARG C 73 9.09 -9.47 -13.76
N SER C 74 7.86 -9.64 -14.21
CA SER C 74 6.97 -10.68 -13.71
C SER C 74 6.26 -11.27 -14.92
N THR C 75 6.01 -12.57 -14.87
CA THR C 75 5.32 -13.27 -15.93
C THR C 75 4.11 -13.94 -15.35
N LEU C 76 2.95 -13.77 -16.00
CA LEU C 76 1.76 -14.53 -15.65
C LEU C 76 1.64 -15.69 -16.64
N TYR C 77 1.53 -16.90 -16.12
CA TYR C 77 1.33 -18.10 -16.94
C TYR C 77 -0.12 -18.55 -16.83
N ILE C 78 -0.78 -18.77 -17.96
CA ILE C 78 -2.13 -19.31 -17.99
C ILE C 78 -2.08 -20.65 -18.74
N ALA C 79 -2.12 -21.74 -17.98
CA ALA C 79 -2.07 -23.08 -18.56
C ALA C 79 -3.38 -23.43 -19.23
N ALA C 80 -3.33 -24.20 -20.33
CA ALA C 80 -4.53 -24.75 -20.97
C ALA C 80 -5.63 -23.68 -21.10
N SER C 81 -5.31 -22.60 -21.79
CA SER C 81 -6.19 -21.43 -21.84
C SER C 81 -7.58 -21.76 -22.40
N GLN C 82 -8.57 -21.09 -21.86
CA GLN C 82 -9.96 -21.36 -22.20
C GLN C 82 -10.61 -20.07 -22.69
N PRO C 83 -11.63 -20.15 -23.57
CA PRO C 83 -12.36 -18.95 -23.97
C PRO C 83 -12.78 -18.11 -22.78
N GLY C 84 -13.12 -18.75 -21.66
CA GLY C 84 -13.52 -18.02 -20.44
C GLY C 84 -12.42 -17.20 -19.80
N ASP C 85 -11.18 -17.40 -20.24
CA ASP C 85 -10.04 -16.63 -19.74
C ASP C 85 -9.94 -15.26 -20.42
N SER C 86 -10.70 -15.06 -21.51
CA SER C 86 -10.68 -13.82 -22.28
C SER C 86 -11.07 -12.65 -21.39
N ALA C 87 -10.16 -11.68 -21.24
CA ALA C 87 -10.28 -10.57 -20.29
C ALA C 87 -9.06 -9.67 -20.44
N THR C 88 -9.05 -8.56 -19.71
CA THR C 88 -7.86 -7.74 -19.62
C THR C 88 -7.14 -8.11 -18.34
N TYR C 89 -5.84 -8.38 -18.47
CA TYR C 89 -5.02 -8.76 -17.32
C TYR C 89 -4.14 -7.58 -16.95
N LEU C 90 -4.15 -7.18 -15.67
CA LEU C 90 -3.43 -5.99 -15.21
C LEU C 90 -2.37 -6.38 -14.20
N CYS C 91 -1.17 -5.85 -14.38
CA CYS C 91 -0.05 -6.04 -13.45
C CYS C 91 0.02 -4.77 -12.62
N ALA C 92 0.31 -4.90 -11.33
CA ALA C 92 0.51 -3.72 -10.49
C ALA C 92 1.59 -3.99 -9.46
N VAL C 93 2.33 -2.94 -9.08
CA VAL C 93 3.39 -3.08 -8.09
C VAL C 93 3.17 -2.14 -6.91
N ARG C 94 3.55 -2.59 -5.73
CA ARG C 94 3.66 -1.69 -4.58
C ARG C 94 5.14 -1.44 -4.37
N MET C 95 5.52 -0.17 -4.26
CA MET C 95 6.90 0.21 -4.01
C MET C 95 7.26 -0.02 -2.55
N ASP C 96 8.54 -0.24 -2.27
CA ASP C 96 9.02 -0.21 -0.86
C ASP C 96 8.70 1.12 -0.18
N SER C 97 8.50 2.18 -0.96
CA SER C 97 8.43 3.55 -0.42
C SER C 97 7.03 4.08 -0.16
N SER C 98 6.00 3.31 -0.53
CA SER C 98 4.62 3.70 -0.23
C SER C 98 3.65 2.53 -0.32
N TYR C 99 2.38 2.81 -0.01
CA TYR C 99 1.41 1.74 0.15
C TYR C 99 0.52 1.53 -1.07
N LYS C 100 0.44 2.52 -1.95
CA LYS C 100 -0.46 2.41 -3.12
C LYS C 100 0.09 1.38 -4.11
N LEU C 101 -0.80 0.83 -4.94
CA LEU C 101 -0.38 0.07 -6.13
C LEU C 101 -0.23 1.00 -7.33
N ILE C 102 0.78 0.74 -8.16
CA ILE C 102 1.00 1.44 -9.41
C ILE C 102 0.70 0.42 -10.51
N PHE C 103 -0.27 0.72 -11.38
CA PHE C 103 -0.77 -0.23 -12.38
C PHE C 103 -0.15 -0.06 -13.76
N GLY C 104 0.05 -1.18 -14.43
CA GLY C 104 0.22 -1.20 -15.89
C GLY C 104 -1.11 -0.94 -16.58
N SER C 105 -1.05 -0.73 -17.89
CA SER C 105 -2.26 -0.45 -18.66
C SER C 105 -3.02 -1.72 -19.04
N GLY C 106 -2.39 -2.87 -18.87
CA GLY C 106 -3.06 -4.15 -19.09
C GLY C 106 -2.84 -4.78 -20.46
N THR C 107 -3.03 -6.09 -20.50
CA THR C 107 -2.98 -6.85 -21.74
C THR C 107 -4.35 -7.42 -21.99
N ARG C 108 -4.93 -7.09 -23.14
CA ARG C 108 -6.25 -7.61 -23.52
C ARG C 108 -6.03 -8.99 -24.15
N LEU C 109 -6.68 -10.00 -23.59
CA LEU C 109 -6.52 -11.39 -24.06
C LEU C 109 -7.83 -11.91 -24.64
N LEU C 110 -7.75 -12.42 -25.87
CA LEU C 110 -8.85 -13.13 -26.49
C LEU C 110 -8.39 -14.57 -26.69
N VAL C 111 -9.14 -15.53 -26.14
CA VAL C 111 -8.80 -16.95 -26.37
C VAL C 111 -9.90 -17.48 -27.29
N ARG C 112 -9.52 -17.84 -28.52
CA ARG C 112 -10.51 -18.24 -29.55
C ARG C 112 -10.96 -19.68 -29.31
N PRO C 113 -12.28 -19.95 -29.39
CA PRO C 113 -12.73 -21.32 -29.17
C PRO C 113 -12.28 -22.27 -30.30
N ASP C 114 -11.94 -23.51 -29.93
CA ASP C 114 -11.64 -24.56 -30.91
C ASP C 114 -12.95 -25.15 -31.43
N ILE C 115 -13.33 -24.75 -32.64
CA ILE C 115 -14.62 -25.18 -33.20
C ILE C 115 -14.37 -26.49 -33.95
N GLN C 116 -14.72 -27.58 -33.29
CA GLN C 116 -14.35 -28.93 -33.72
C GLN C 116 -15.12 -29.31 -35.00
N ASN C 117 -16.43 -29.06 -35.02
CA ASN C 117 -17.22 -29.29 -36.24
C ASN C 117 -17.99 -28.06 -36.72
N PRO C 118 -17.32 -27.17 -37.47
CA PRO C 118 -17.94 -25.92 -37.91
C PRO C 118 -19.10 -26.18 -38.87
N ASP C 119 -20.13 -25.37 -38.76
CA ASP C 119 -21.31 -25.43 -39.61
C ASP C 119 -21.64 -24.02 -40.09
N PRO C 120 -20.69 -23.33 -40.77
CA PRO C 120 -21.01 -21.91 -41.04
C PRO C 120 -22.34 -21.72 -41.78
N ALA C 121 -23.16 -20.79 -41.31
CA ALA C 121 -24.47 -20.51 -41.90
C ALA C 121 -24.95 -19.09 -41.56
N VAL C 122 -25.77 -18.52 -42.45
CA VAL C 122 -26.40 -17.23 -42.22
C VAL C 122 -27.92 -17.39 -42.17
N TYR C 123 -28.52 -17.10 -41.02
CA TYR C 123 -29.97 -17.24 -40.81
C TYR C 123 -30.66 -15.88 -40.63
N GLN C 124 -31.92 -15.80 -41.03
CA GLN C 124 -32.77 -14.64 -40.72
C GLN C 124 -33.67 -14.95 -39.54
N LEU C 125 -33.73 -14.03 -38.56
CA LEU C 125 -34.53 -14.23 -37.34
C LEU C 125 -35.56 -13.11 -37.19
N ARG C 126 -36.81 -13.46 -36.86
CA ARG C 126 -37.89 -12.47 -36.83
C ARG C 126 -38.31 -11.99 -35.44
N ASP C 127 -38.54 -10.69 -35.33
CA ASP C 127 -39.00 -10.03 -34.11
C ASP C 127 -40.22 -10.72 -33.50
N SER C 128 -40.10 -11.08 -32.22
CA SER C 128 -41.15 -11.79 -31.50
C SER C 128 -42.46 -11.00 -31.34
N LYS C 129 -42.37 -9.67 -31.37
CA LYS C 129 -43.55 -8.83 -31.21
C LYS C 129 -43.99 -8.23 -32.53
N SER C 130 -43.01 -7.79 -33.32
CA SER C 130 -43.29 -7.04 -34.54
C SER C 130 -42.47 -7.52 -35.74
N SER C 131 -42.75 -8.74 -36.20
CA SER C 131 -42.41 -9.15 -37.57
C SER C 131 -43.35 -8.31 -38.43
N ASP C 132 -42.88 -7.66 -39.51
CA ASP C 132 -41.75 -8.05 -40.37
C ASP C 132 -40.32 -7.59 -40.02
N LYS C 133 -40.06 -7.20 -38.77
CA LYS C 133 -38.69 -6.81 -38.38
C LYS C 133 -37.83 -8.05 -38.13
N SER C 134 -36.59 -8.02 -38.60
CA SER C 134 -35.66 -9.17 -38.49
C SER C 134 -34.18 -8.77 -38.34
N VAL C 135 -33.34 -9.75 -38.00
CA VAL C 135 -31.88 -9.61 -38.02
C VAL C 135 -31.26 -10.79 -38.78
N CYS C 136 -30.00 -10.65 -39.19
CA CYS C 136 -29.26 -11.75 -39.81
C CYS C 136 -28.20 -12.29 -38.85
N LEU C 137 -28.25 -13.60 -38.61
CA LEU C 137 -27.28 -14.27 -37.74
C LEU C 137 -26.29 -15.10 -38.54
N PHE C 138 -25.01 -14.74 -38.49
CA PHE C 138 -23.94 -15.54 -39.09
C PHE C 138 -23.35 -16.33 -37.94
N THR C 139 -23.35 -17.66 -38.06
CA THR C 139 -23.03 -18.49 -36.90
C THR C 139 -22.30 -19.78 -37.27
N ASP C 140 -21.64 -20.40 -36.29
CA ASP C 140 -21.08 -21.75 -36.35
C ASP C 140 -19.83 -21.87 -37.24
N PHE C 141 -19.26 -20.72 -37.61
CA PHE C 141 -18.00 -20.67 -38.33
C PHE C 141 -16.84 -20.91 -37.37
N ASP C 142 -15.74 -21.43 -37.89
CA ASP C 142 -14.59 -21.67 -37.02
C ASP C 142 -13.82 -20.38 -36.76
N SER C 143 -12.96 -20.41 -35.75
CA SER C 143 -12.37 -19.18 -35.25
C SER C 143 -11.35 -18.56 -36.21
N GLN C 144 -11.06 -19.27 -37.30
CA GLN C 144 -10.26 -18.72 -38.40
C GLN C 144 -11.01 -17.65 -39.24
N THR C 145 -12.32 -17.52 -39.04
CA THR C 145 -13.11 -16.53 -39.76
C THR C 145 -13.10 -15.18 -39.03
N ASN C 146 -12.92 -14.09 -39.79
CA ASN C 146 -13.02 -12.73 -39.26
C ASN C 146 -14.23 -12.02 -39.86
N VAL C 147 -15.05 -11.41 -39.00
CA VAL C 147 -16.24 -10.68 -39.45
C VAL C 147 -15.89 -9.21 -39.68
N SER C 148 -15.98 -8.77 -40.93
CA SER C 148 -15.69 -7.37 -41.28
C SER C 148 -16.89 -6.47 -41.03
N GLN C 149 -16.62 -5.17 -40.91
CA GLN C 149 -17.69 -4.17 -40.87
C GLN C 149 -18.33 -4.06 -42.25
N SER C 150 -19.58 -3.61 -42.29
CA SER C 150 -20.29 -3.47 -43.57
C SER C 150 -19.70 -2.34 -44.42
N LYS C 151 -19.84 -2.47 -45.74
CA LYS C 151 -19.51 -1.41 -46.68
C LYS C 151 -20.52 -0.26 -46.54
N ASP C 152 -21.72 -0.61 -46.07
CA ASP C 152 -22.84 0.32 -45.91
C ASP C 152 -22.93 0.82 -44.45
N SER C 153 -23.03 2.13 -44.27
CA SER C 153 -23.07 2.74 -42.93
C SER C 153 -24.46 2.70 -42.27
N ASP C 154 -25.47 2.26 -43.02
CA ASP C 154 -26.81 2.02 -42.46
C ASP C 154 -26.98 0.57 -41.98
N VAL C 155 -25.94 -0.25 -42.17
CA VAL C 155 -25.96 -1.65 -41.74
C VAL C 155 -25.07 -1.82 -40.53
N TYR C 156 -25.62 -2.41 -39.47
CA TYR C 156 -24.86 -2.64 -38.25
C TYR C 156 -24.42 -4.10 -38.13
N ILE C 157 -23.14 -4.30 -37.82
CA ILE C 157 -22.59 -5.63 -37.67
C ILE C 157 -21.74 -5.72 -36.41
N THR C 158 -22.17 -6.56 -35.47
CA THR C 158 -21.40 -6.73 -34.23
C THR C 158 -20.28 -7.74 -34.43
N ASP C 159 -19.27 -7.70 -33.57
CA ASP C 159 -18.15 -8.61 -33.72
C ASP C 159 -18.56 -10.02 -33.32
N LYS C 160 -17.69 -10.99 -33.61
CA LYS C 160 -17.94 -12.37 -33.23
C LYS C 160 -17.95 -12.53 -31.71
N CYS C 161 -18.99 -13.21 -31.23
CA CYS C 161 -19.21 -13.46 -29.81
C CYS C 161 -19.20 -14.99 -29.64
N VAL C 162 -18.57 -15.48 -28.58
CA VAL C 162 -18.55 -16.92 -28.31
C VAL C 162 -19.55 -17.28 -27.23
N LEU C 163 -20.52 -18.14 -27.53
CA LEU C 163 -21.37 -18.69 -26.49
C LEU C 163 -21.01 -20.13 -26.18
N ASP C 164 -21.28 -20.54 -24.95
CA ASP C 164 -20.94 -21.86 -24.47
C ASP C 164 -22.18 -22.56 -23.91
N MET C 165 -22.69 -23.56 -24.63
CA MET C 165 -23.77 -24.39 -24.11
C MET C 165 -23.12 -25.46 -23.26
N ARG C 166 -22.91 -25.13 -21.99
CA ARG C 166 -22.04 -25.90 -21.08
C ARG C 166 -22.37 -27.40 -20.98
N SER C 167 -23.61 -27.73 -20.65
CA SER C 167 -23.99 -29.14 -20.44
C SER C 167 -24.10 -29.98 -21.73
N MET C 168 -23.97 -29.32 -22.88
CA MET C 168 -23.84 -30.01 -24.16
C MET C 168 -22.37 -30.07 -24.61
N ASP C 169 -21.50 -29.37 -23.87
CA ASP C 169 -20.08 -29.26 -24.19
C ASP C 169 -19.81 -28.69 -25.59
N PHE C 170 -20.55 -27.63 -25.92
CA PHE C 170 -20.59 -27.10 -27.28
C PHE C 170 -20.41 -25.59 -27.25
N LYS C 171 -19.45 -25.10 -28.04
CA LYS C 171 -19.22 -23.65 -28.16
C LYS C 171 -19.46 -23.22 -29.60
N SER C 172 -19.95 -21.99 -29.77
CA SER C 172 -20.15 -21.45 -31.11
C SER C 172 -19.92 -19.94 -31.23
N ASN C 173 -19.36 -19.56 -32.37
CA ASN C 173 -19.15 -18.17 -32.74
C ASN C 173 -20.39 -17.64 -33.46
N SER C 174 -20.69 -16.36 -33.30
CA SER C 174 -21.70 -15.71 -34.11
C SER C 174 -21.47 -14.20 -34.23
N ALA C 175 -21.96 -13.65 -35.33
CA ALA C 175 -22.05 -12.20 -35.52
C ALA C 175 -23.48 -11.88 -35.93
N VAL C 176 -23.96 -10.71 -35.54
CA VAL C 176 -25.33 -10.30 -35.83
C VAL C 176 -25.29 -9.06 -36.73
N ALA C 177 -26.14 -9.05 -37.75
CA ALA C 177 -26.25 -7.88 -38.64
C ALA C 177 -27.69 -7.45 -38.77
N TRP C 178 -27.92 -6.14 -38.78
CA TRP C 178 -29.26 -5.61 -39.00
C TRP C 178 -29.23 -4.27 -39.65
N SER C 179 -30.38 -3.88 -40.21
CA SER C 179 -30.53 -2.65 -40.95
C SER C 179 -32.02 -2.34 -41.15
N ASN C 180 -32.42 -1.14 -40.75
CA ASN C 180 -33.72 -0.59 -41.12
C ASN C 180 -33.57 0.01 -42.51
N LYS C 181 -33.62 -0.84 -43.52
CA LYS C 181 -33.34 -0.46 -44.91
C LYS C 181 -33.88 -1.51 -45.87
N SER C 182 -34.33 -1.05 -47.04
CA SER C 182 -35.05 -1.90 -47.99
C SER C 182 -34.18 -2.92 -48.74
N ASP C 183 -33.01 -2.49 -49.22
CA ASP C 183 -32.13 -3.34 -50.02
C ASP C 183 -31.31 -4.36 -49.20
N PHE C 184 -31.48 -4.34 -47.88
CA PHE C 184 -30.75 -5.22 -46.97
C PHE C 184 -31.39 -6.61 -46.87
N ALA C 185 -30.63 -7.62 -47.29
CA ALA C 185 -31.07 -9.02 -47.23
C ALA C 185 -29.99 -9.88 -46.58
N CYS C 186 -30.39 -10.93 -45.88
CA CYS C 186 -29.42 -11.82 -45.22
C CYS C 186 -28.42 -12.39 -46.21
N ALA C 187 -28.89 -12.67 -47.43
CA ALA C 187 -28.03 -13.14 -48.50
C ALA C 187 -26.82 -12.22 -48.76
N ASN C 188 -27.01 -10.91 -48.56
CA ASN C 188 -25.95 -9.92 -48.81
C ASN C 188 -25.32 -9.29 -47.55
N ALA C 189 -25.91 -9.58 -46.39
CA ALA C 189 -25.51 -8.97 -45.12
C ALA C 189 -24.00 -8.95 -44.83
N PHE C 190 -23.34 -10.08 -45.08
CA PHE C 190 -21.93 -10.24 -44.74
C PHE C 190 -21.01 -10.26 -45.96
N ASN C 191 -21.45 -9.63 -47.05
CA ASN C 191 -20.70 -9.61 -48.31
C ASN C 191 -19.35 -8.88 -48.27
N ASN C 192 -19.15 -8.04 -47.26
CA ASN C 192 -17.85 -7.40 -47.06
C ASN C 192 -16.88 -8.27 -46.23
N SER C 193 -17.34 -9.43 -45.80
CA SER C 193 -16.48 -10.42 -45.14
C SER C 193 -16.04 -11.51 -46.11
N ILE C 194 -14.91 -12.14 -45.81
CA ILE C 194 -14.57 -13.41 -46.44
C ILE C 194 -15.18 -14.51 -45.56
N ILE C 195 -16.26 -15.12 -46.06
CA ILE C 195 -16.94 -16.20 -45.34
C ILE C 195 -16.62 -17.54 -46.01
N PRO C 196 -16.74 -18.66 -45.26
CA PRO C 196 -16.39 -19.96 -45.86
C PRO C 196 -17.21 -20.24 -47.13
N GLU C 197 -16.57 -20.84 -48.14
CA GLU C 197 -17.25 -21.18 -49.40
C GLU C 197 -18.50 -22.04 -49.18
N ASP C 198 -18.45 -22.89 -48.17
CA ASP C 198 -19.53 -23.80 -47.83
C ASP C 198 -20.54 -23.27 -46.79
N THR C 199 -20.62 -21.95 -46.66
CA THR C 199 -21.61 -21.32 -45.75
C THR C 199 -23.04 -21.61 -46.22
N PHE C 200 -23.85 -22.14 -45.31
CA PHE C 200 -25.22 -22.51 -45.62
C PHE C 200 -26.13 -21.28 -45.65
N PHE C 201 -26.73 -21.03 -46.81
CA PHE C 201 -27.78 -20.03 -46.94
C PHE C 201 -29.10 -20.73 -47.20
N PRO C 202 -30.01 -20.72 -46.22
CA PRO C 202 -31.32 -21.35 -46.38
C PRO C 202 -32.07 -20.85 -47.60
N SER C 203 -32.83 -21.76 -48.22
CA SER C 203 -33.56 -21.50 -49.47
C SER C 203 -34.55 -20.36 -49.34
N PRO C 204 -34.74 -19.60 -50.45
CA PRO C 204 -35.75 -18.55 -50.53
C PRO C 204 -37.14 -19.06 -50.14
N GLU C 205 -37.86 -18.26 -49.37
CA GLU C 205 -39.22 -18.61 -48.94
C GLU C 205 -40.23 -18.44 -50.08
N THR D 3 -17.63 -9.74 2.91
CA THR D 3 -17.26 -10.62 1.77
C THR D 3 -16.42 -9.84 0.77
N GLY D 4 -17.09 -9.02 -0.04
CA GLY D 4 -16.43 -8.14 -0.99
C GLY D 4 -16.57 -6.68 -0.60
N VAL D 5 -15.87 -5.82 -1.34
CA VAL D 5 -15.97 -4.37 -1.17
C VAL D 5 -17.21 -3.88 -1.91
N SER D 6 -18.01 -3.04 -1.26
CA SER D 6 -19.26 -2.57 -1.83
C SER D 6 -19.23 -1.07 -2.15
N GLN D 7 -19.61 -0.73 -3.38
CA GLN D 7 -19.62 0.67 -3.81
C GLN D 7 -21.01 1.08 -4.26
N ASN D 8 -21.39 2.31 -3.92
CA ASN D 8 -22.68 2.90 -4.33
C ASN D 8 -22.57 4.39 -4.64
N PRO D 9 -23.27 4.86 -5.70
CA PRO D 9 -24.06 4.06 -6.63
C PRO D 9 -23.17 3.38 -7.66
N ARG D 10 -23.67 2.30 -8.25
CA ARG D 10 -22.92 1.58 -9.29
C ARG D 10 -22.75 2.46 -10.54
N HIS D 11 -23.80 3.22 -10.85
CA HIS D 11 -23.81 4.10 -12.00
C HIS D 11 -24.31 5.44 -11.56
N LYS D 12 -23.77 6.49 -12.14
CA LYS D 12 -24.25 7.84 -11.89
C LYS D 12 -24.11 8.74 -13.12
N ILE D 13 -25.26 9.25 -13.61
CA ILE D 13 -25.27 10.23 -14.69
C ILE D 13 -25.59 11.59 -14.09
N THR D 14 -24.83 12.61 -14.46
CA THR D 14 -25.14 13.96 -14.03
C THR D 14 -24.84 15.06 -15.06
N LYS D 15 -25.45 16.23 -14.83
CA LYS D 15 -25.20 17.44 -15.60
C LYS D 15 -23.96 18.16 -15.08
N ARG D 16 -23.21 18.76 -16.00
CA ARG D 16 -22.04 19.59 -15.71
C ARG D 16 -22.32 20.69 -14.68
N GLY D 17 -21.57 20.67 -13.57
CA GLY D 17 -21.68 21.71 -12.55
C GLY D 17 -22.32 21.20 -11.28
N GLN D 18 -22.95 20.03 -11.37
CA GLN D 18 -23.55 19.36 -10.24
C GLN D 18 -22.46 18.74 -9.37
N ASN D 19 -22.75 18.59 -8.08
CA ASN D 19 -21.87 17.86 -7.16
C ASN D 19 -22.28 16.40 -7.08
N VAL D 20 -21.31 15.50 -6.91
CA VAL D 20 -21.61 14.07 -6.72
C VAL D 20 -20.80 13.45 -5.59
N THR D 21 -21.39 12.47 -4.92
CA THR D 21 -20.76 11.74 -3.84
C THR D 21 -20.88 10.23 -4.04
N PHE D 22 -19.74 9.54 -3.97
CA PHE D 22 -19.71 8.08 -4.01
C PHE D 22 -19.33 7.54 -2.64
N ARG D 23 -19.81 6.34 -2.34
CA ARG D 23 -19.53 5.68 -1.07
C ARG D 23 -18.89 4.31 -1.28
N CYS D 24 -17.99 3.96 -0.37
CA CYS D 24 -17.36 2.66 -0.36
C CYS D 24 -17.45 2.04 1.02
N ASP D 25 -17.90 0.80 1.06
CA ASP D 25 -17.92 -0.01 2.27
C ASP D 25 -16.92 -1.14 2.11
N PRO D 26 -15.75 -1.03 2.77
CA PRO D 26 -14.67 -1.99 2.57
C PRO D 26 -14.93 -3.33 3.24
N ILE D 27 -14.05 -4.31 3.01
CA ILE D 27 -14.07 -5.55 3.77
C ILE D 27 -13.80 -5.20 5.24
N SER D 28 -14.56 -5.81 6.14
CA SER D 28 -14.62 -5.39 7.54
C SER D 28 -13.26 -5.28 8.25
N GLU D 29 -12.48 -6.35 8.17
CA GLU D 29 -11.22 -6.45 8.91
C GLU D 29 -10.03 -5.73 8.24
N HIS D 30 -10.31 -5.00 7.17
CA HIS D 30 -9.27 -4.33 6.38
C HIS D 30 -8.98 -2.95 6.89
N ASN D 31 -7.71 -2.65 7.13
CA ASN D 31 -7.34 -1.37 7.73
C ASN D 31 -7.00 -0.24 6.74
N ARG D 32 -6.80 -0.61 5.48
CA ARG D 32 -6.46 0.39 4.47
C ARG D 32 -7.48 0.40 3.37
N LEU D 33 -7.79 1.60 2.91
CA LEU D 33 -8.78 1.82 1.84
C LEU D 33 -8.20 2.79 0.81
N TYR D 34 -8.39 2.48 -0.47
CA TYR D 34 -7.78 3.22 -1.55
C TYR D 34 -8.84 3.62 -2.56
N TRP D 35 -8.72 4.83 -3.12
CA TRP D 35 -9.53 5.26 -4.25
C TRP D 35 -8.67 5.38 -5.48
N TYR D 36 -9.22 4.89 -6.60
CA TYR D 36 -8.58 4.95 -7.89
C TYR D 36 -9.62 5.45 -8.90
N ARG D 37 -9.14 5.96 -10.02
CA ARG D 37 -9.99 6.39 -11.12
C ARG D 37 -9.53 5.64 -12.37
N GLN D 38 -10.46 5.20 -13.20
CA GLN D 38 -10.07 4.46 -14.41
C GLN D 38 -10.89 4.85 -15.62
N THR D 39 -10.22 5.13 -16.72
CA THR D 39 -10.90 5.30 -18.01
C THR D 39 -10.63 4.08 -18.92
N LEU D 40 -11.52 3.85 -19.88
CA LEU D 40 -11.44 2.69 -20.79
C LEU D 40 -10.05 2.57 -21.46
N GLY D 41 -9.51 1.35 -21.45
CA GLY D 41 -8.18 1.11 -22.06
C GLY D 41 -6.95 1.48 -21.26
N GLN D 42 -7.15 2.08 -20.09
CA GLN D 42 -6.04 2.53 -19.24
C GLN D 42 -6.00 1.75 -17.93
N GLY D 43 -4.85 1.74 -17.26
CA GLY D 43 -4.79 1.17 -15.91
C GLY D 43 -5.43 2.13 -14.90
N PRO D 44 -5.89 1.61 -13.75
CA PRO D 44 -6.42 2.52 -12.73
C PRO D 44 -5.35 3.50 -12.29
N GLU D 45 -5.73 4.75 -12.03
CA GLU D 45 -4.81 5.76 -11.49
C GLU D 45 -5.14 6.10 -10.05
N PHE D 46 -4.10 6.21 -9.23
CA PHE D 46 -4.26 6.44 -7.80
C PHE D 46 -4.80 7.82 -7.49
N LEU D 47 -5.76 7.87 -6.58
CA LEU D 47 -6.30 9.13 -6.07
C LEU D 47 -5.83 9.41 -4.63
N THR D 48 -6.21 8.52 -3.71
CA THR D 48 -5.91 8.71 -2.29
C THR D 48 -6.05 7.39 -1.52
N TYR D 49 -5.46 7.31 -0.34
CA TYR D 49 -5.69 6.16 0.51
C TYR D 49 -5.72 6.55 1.98
N PHE D 50 -6.35 5.70 2.77
CA PHE D 50 -6.48 5.89 4.23
C PHE D 50 -5.94 4.68 4.97
N GLN D 51 -5.29 4.93 6.11
CA GLN D 51 -5.12 3.89 7.12
C GLN D 51 -5.95 4.35 8.31
N ASN D 52 -6.91 3.52 8.70
CA ASN D 52 -8.01 3.92 9.58
C ASN D 52 -8.63 5.23 9.09
N GLU D 53 -8.74 6.25 9.94
CA GLU D 53 -9.34 7.51 9.50
C GLU D 53 -8.38 8.47 8.82
N ALA D 54 -7.08 8.17 8.88
CA ALA D 54 -6.04 9.09 8.39
C ALA D 54 -5.77 8.99 6.89
N GLN D 55 -5.89 10.13 6.21
CA GLN D 55 -5.58 10.22 4.77
C GLN D 55 -4.09 10.45 4.60
N LEU D 56 -3.37 9.38 4.28
CA LEU D 56 -1.90 9.39 4.33
C LEU D 56 -1.19 9.72 3.01
N GLU D 57 -1.90 9.57 1.88
CA GLU D 57 -1.29 9.95 0.62
C GLU D 57 -2.39 10.33 -0.35
N LYS D 58 -2.18 11.42 -1.07
CA LYS D 58 -3.07 11.83 -2.17
C LYS D 58 -2.20 12.15 -3.35
N SER D 59 -2.73 11.97 -4.56
CA SER D 59 -1.98 12.38 -5.75
C SER D 59 -2.42 13.75 -6.24
N ARG D 60 -1.77 14.22 -7.31
CA ARG D 60 -2.17 15.46 -8.01
C ARG D 60 -3.55 15.35 -8.70
N LEU D 61 -3.97 14.13 -9.01
CA LEU D 61 -5.29 13.90 -9.62
C LEU D 61 -6.43 14.15 -8.63
N LEU D 62 -6.09 14.10 -7.34
CA LEU D 62 -7.02 14.56 -6.32
C LEU D 62 -6.91 16.08 -6.23
N SER D 63 -7.31 16.74 -7.32
CA SER D 63 -7.34 18.20 -7.40
C SER D 63 -8.40 18.77 -6.47
N ASP D 64 -8.46 20.09 -6.38
CA ASP D 64 -9.26 20.80 -5.37
C ASP D 64 -10.75 20.43 -5.34
N ARG D 65 -11.32 20.16 -6.52
CA ARG D 65 -12.74 19.77 -6.60
C ARG D 65 -13.00 18.39 -5.99
N PHE D 66 -11.94 17.59 -5.89
CA PHE D 66 -12.02 16.23 -5.36
C PHE D 66 -11.59 16.22 -3.91
N SER D 67 -12.36 15.54 -3.06
CA SER D 67 -12.01 15.36 -1.66
C SER D 67 -12.60 14.07 -1.11
N ALA D 68 -11.84 13.35 -0.29
CA ALA D 68 -12.29 12.10 0.29
C ALA D 68 -12.18 12.13 1.81
N GLU D 69 -13.05 11.39 2.48
CA GLU D 69 -12.92 11.22 3.93
C GLU D 69 -13.32 9.82 4.34
N ARG D 70 -12.81 9.39 5.50
CA ARG D 70 -13.15 8.08 6.05
C ARG D 70 -13.29 8.29 7.56
N PRO D 71 -14.41 8.90 7.98
CA PRO D 71 -14.47 9.57 9.30
C PRO D 71 -14.30 8.67 10.53
N LYS D 72 -14.67 7.40 10.41
CA LYS D 72 -14.57 6.44 11.51
C LYS D 72 -13.69 5.24 11.18
N GLY D 73 -12.79 5.37 10.22
CA GLY D 73 -12.27 4.17 9.55
C GLY D 73 -13.48 3.68 8.79
N SER D 74 -13.67 2.37 8.68
CA SER D 74 -14.86 1.82 8.00
C SER D 74 -15.11 2.49 6.62
N PHE D 75 -16.33 2.99 6.41
CA PHE D 75 -16.75 3.55 5.11
C PHE D 75 -16.03 4.83 4.71
N SER D 76 -15.88 5.04 3.39
CA SER D 76 -15.30 6.24 2.87
C SER D 76 -16.22 6.94 1.86
N THR D 77 -16.02 8.24 1.75
CA THR D 77 -16.81 9.10 0.90
C THR D 77 -15.87 9.80 -0.06
N LEU D 78 -16.18 9.74 -1.36
CA LEU D 78 -15.47 10.56 -2.34
C LEU D 78 -16.45 11.54 -2.94
N GLU D 79 -16.16 12.83 -2.79
CA GLU D 79 -17.03 13.88 -3.32
C GLU D 79 -16.30 14.65 -4.42
N ILE D 80 -17.01 14.90 -5.52
CA ILE D 80 -16.51 15.77 -6.59
C ILE D 80 -17.43 16.98 -6.69
N GLN D 81 -16.85 18.17 -6.52
CA GLN D 81 -17.59 19.43 -6.66
C GLN D 81 -17.56 19.88 -8.10
N ARG D 82 -18.65 20.52 -8.53
CA ARG D 82 -18.73 21.14 -9.85
C ARG D 82 -18.19 20.23 -10.95
N THR D 83 -18.83 19.08 -11.11
CA THR D 83 -18.41 18.07 -12.09
C THR D 83 -18.27 18.67 -13.49
N GLU D 84 -17.30 18.14 -14.22
CA GLU D 84 -17.02 18.52 -15.60
C GLU D 84 -16.99 17.24 -16.40
N GLN D 85 -17.25 17.35 -17.71
CA GLN D 85 -17.23 16.17 -18.57
C GLN D 85 -15.93 15.34 -18.48
N GLY D 86 -14.81 16.01 -18.26
CA GLY D 86 -13.52 15.33 -18.04
C GLY D 86 -13.42 14.45 -16.80
N ASP D 87 -14.35 14.60 -15.87
CA ASP D 87 -14.44 13.76 -14.66
C ASP D 87 -15.02 12.38 -14.95
N SER D 88 -15.69 12.23 -16.10
CA SER D 88 -16.32 10.94 -16.44
C SER D 88 -15.29 9.83 -16.43
N ALA D 89 -15.55 8.81 -15.63
CA ALA D 89 -14.63 7.70 -15.40
C ALA D 89 -15.28 6.67 -14.47
N MET D 90 -14.59 5.54 -14.30
CA MET D 90 -14.92 4.56 -13.28
C MET D 90 -14.15 4.92 -12.02
N TYR D 91 -14.88 5.12 -10.92
CA TYR D 91 -14.23 5.41 -9.64
C TYR D 91 -14.23 4.12 -8.81
N LEU D 92 -13.02 3.65 -8.53
CA LEU D 92 -12.82 2.35 -7.94
C LEU D 92 -12.34 2.48 -6.51
N CYS D 93 -12.88 1.65 -5.62
CA CYS D 93 -12.45 1.62 -4.23
C CYS D 93 -11.88 0.24 -3.95
N ALA D 94 -10.83 0.17 -3.13
CA ALA D 94 -10.27 -1.11 -2.71
C ALA D 94 -9.94 -1.06 -1.23
N SER D 95 -9.91 -2.23 -0.61
CA SER D 95 -9.34 -2.33 0.73
C SER D 95 -8.29 -3.43 0.78
N SER D 96 -7.38 -3.34 1.74
CA SER D 96 -6.28 -4.29 1.80
C SER D 96 -6.12 -4.94 3.18
N SER D 97 -5.65 -6.18 3.16
CA SER D 97 -5.46 -7.00 4.34
C SER D 97 -4.29 -6.50 5.19
N TRP D 98 -4.35 -6.77 6.49
CA TRP D 98 -3.35 -6.30 7.45
C TRP D 98 -1.99 -6.89 7.19
N ASP D 99 -1.94 -8.09 6.61
CA ASP D 99 -0.70 -8.85 6.50
C ASP D 99 -0.01 -8.76 5.14
N THR D 100 -0.69 -9.17 4.06
CA THR D 100 -0.09 -9.12 2.73
C THR D 100 -0.29 -7.79 2.05
N GLY D 101 -1.33 -7.08 2.44
CA GLY D 101 -1.69 -5.84 1.75
C GLY D 101 -2.24 -6.11 0.36
N GLU D 102 -2.76 -7.31 0.14
CA GLU D 102 -3.47 -7.62 -1.09
C GLU D 102 -4.67 -6.70 -1.26
N LEU D 103 -4.76 -6.01 -2.40
CA LEU D 103 -5.92 -5.16 -2.67
C LEU D 103 -7.08 -5.98 -3.22
N PHE D 104 -8.25 -5.71 -2.67
CA PHE D 104 -9.50 -6.27 -3.18
C PHE D 104 -10.38 -5.10 -3.59
N PHE D 105 -10.79 -5.08 -4.86
CA PHE D 105 -11.59 -3.98 -5.39
C PHE D 105 -13.11 -4.23 -5.36
N GLY D 106 -13.86 -3.13 -5.24
CA GLY D 106 -15.31 -3.15 -5.43
C GLY D 106 -15.64 -3.22 -6.91
N GLU D 107 -16.92 -3.07 -7.24
CA GLU D 107 -17.36 -3.15 -8.63
C GLU D 107 -17.38 -1.78 -9.31
N GLY D 108 -17.02 -0.75 -8.55
CA GLY D 108 -16.85 0.58 -9.10
C GLY D 108 -18.11 1.41 -9.13
N SER D 109 -17.91 2.73 -9.16
CA SER D 109 -18.97 3.68 -9.41
C SER D 109 -18.64 4.37 -10.72
N ARG D 110 -19.41 4.09 -11.76
CA ARG D 110 -19.13 4.65 -13.06
C ARG D 110 -19.87 5.98 -13.23
N LEU D 111 -19.10 7.04 -13.40
CA LEU D 111 -19.65 8.39 -13.56
C LEU D 111 -19.65 8.83 -15.03
N THR D 112 -20.78 9.38 -15.46
CA THR D 112 -20.89 10.05 -16.77
C THR D 112 -21.38 11.48 -16.57
N VAL D 113 -20.57 12.47 -16.95
CA VAL D 113 -20.95 13.88 -16.81
C VAL D 113 -21.30 14.42 -18.20
N LEU D 114 -22.49 15.01 -18.33
CA LEU D 114 -22.97 15.51 -19.62
C LEU D 114 -23.14 17.02 -19.62
N GLU D 115 -23.02 17.66 -20.79
CA GLU D 115 -23.28 19.10 -20.90
C GLU D 115 -24.72 19.45 -20.53
N ASP D 116 -25.67 18.68 -21.06
CA ASP D 116 -27.06 18.72 -20.60
C ASP D 116 -27.70 17.35 -20.77
N LEU D 117 -28.89 17.18 -20.22
CA LEU D 117 -29.52 15.86 -20.16
C LEU D 117 -30.43 15.57 -21.34
N LYS D 118 -30.52 16.50 -22.29
CA LYS D 118 -31.47 16.40 -23.42
C LYS D 118 -31.27 15.17 -24.29
N ASN D 119 -30.05 14.66 -24.30
CA ASN D 119 -29.64 13.57 -25.18
C ASN D 119 -29.81 12.18 -24.56
N VAL D 120 -30.25 12.13 -23.31
CA VAL D 120 -30.44 10.85 -22.58
C VAL D 120 -31.69 10.11 -23.07
N PHE D 121 -31.52 8.83 -23.40
CA PHE D 121 -32.61 7.98 -23.92
C PHE D 121 -32.50 6.54 -23.40
N PRO D 122 -33.62 5.93 -22.99
CA PRO D 122 -33.62 4.52 -22.62
C PRO D 122 -33.57 3.63 -23.88
N PRO D 123 -33.19 2.35 -23.72
CA PRO D 123 -33.17 1.51 -24.90
C PRO D 123 -34.59 1.10 -25.32
N GLU D 124 -34.75 0.82 -26.61
CA GLU D 124 -35.82 -0.07 -27.06
C GLU D 124 -35.21 -1.46 -27.16
N VAL D 125 -35.99 -2.48 -26.83
CA VAL D 125 -35.49 -3.87 -26.78
C VAL D 125 -36.40 -4.73 -27.63
N ALA D 126 -35.80 -5.55 -28.49
CA ALA D 126 -36.54 -6.51 -29.30
C ALA D 126 -35.88 -7.88 -29.18
N VAL D 127 -36.68 -8.94 -29.16
CA VAL D 127 -36.16 -10.32 -29.23
C VAL D 127 -36.52 -10.90 -30.59
N PHE D 128 -35.54 -11.51 -31.25
CA PHE D 128 -35.74 -12.11 -32.56
C PHE D 128 -35.66 -13.63 -32.41
N GLU D 129 -36.67 -14.32 -32.97
CA GLU D 129 -36.89 -15.75 -32.71
C GLU D 129 -36.03 -16.65 -33.60
N PRO D 130 -35.69 -17.85 -33.10
CA PRO D 130 -34.85 -18.77 -33.89
C PRO D 130 -35.48 -19.12 -35.22
N SER D 131 -34.66 -19.19 -36.26
CA SER D 131 -35.14 -19.53 -37.58
C SER D 131 -35.37 -21.04 -37.70
N GLU D 132 -36.31 -21.41 -38.56
CA GLU D 132 -36.63 -22.82 -38.81
C GLU D 132 -35.43 -23.50 -39.46
N ALA D 133 -34.70 -22.76 -40.29
CA ALA D 133 -33.55 -23.34 -40.98
C ALA D 133 -32.40 -23.68 -40.02
N GLU D 134 -32.17 -22.87 -38.99
CA GLU D 134 -31.20 -23.26 -37.95
C GLU D 134 -31.59 -24.58 -37.29
N ILE D 135 -32.86 -24.69 -36.94
CA ILE D 135 -33.37 -25.90 -36.32
C ILE D 135 -33.16 -27.12 -37.23
N SER D 136 -33.45 -26.97 -38.53
CA SER D 136 -33.26 -28.06 -39.49
C SER D 136 -31.79 -28.45 -39.61
N HIS D 137 -30.92 -27.45 -39.63
CA HIS D 137 -29.50 -27.65 -39.91
C HIS D 137 -28.70 -28.15 -38.73
N THR D 138 -29.08 -27.73 -37.52
CA THR D 138 -28.25 -27.94 -36.33
C THR D 138 -28.93 -28.60 -35.14
N GLN D 139 -30.26 -28.66 -35.16
CA GLN D 139 -31.04 -29.05 -33.96
C GLN D 139 -30.78 -28.13 -32.77
N LYS D 140 -30.37 -26.90 -33.07
CA LYS D 140 -30.22 -25.85 -32.06
C LYS D 140 -31.00 -24.62 -32.50
N ALA D 141 -31.15 -23.66 -31.59
CA ALA D 141 -32.03 -22.52 -31.81
C ALA D 141 -31.48 -21.31 -31.09
N THR D 142 -31.12 -20.30 -31.86
CA THR D 142 -30.53 -19.10 -31.28
C THR D 142 -31.56 -17.96 -31.27
N LEU D 143 -31.79 -17.40 -30.09
CA LEU D 143 -32.56 -16.18 -29.94
C LEU D 143 -31.59 -15.01 -29.94
N VAL D 144 -31.99 -13.89 -30.53
CA VAL D 144 -31.16 -12.68 -30.51
C VAL D 144 -31.92 -11.54 -29.83
N CYS D 145 -31.23 -10.81 -28.97
CA CYS D 145 -31.79 -9.60 -28.38
C CYS D 145 -31.04 -8.39 -28.91
N LEU D 146 -31.79 -7.35 -29.31
CA LEU D 146 -31.19 -6.08 -29.68
C LEU D 146 -31.71 -5.00 -28.75
N ALA D 147 -30.80 -4.29 -28.11
CA ALA D 147 -31.18 -3.09 -27.35
C ALA D 147 -30.66 -1.91 -28.13
N THR D 148 -31.54 -0.97 -28.47
CA THR D 148 -31.16 0.07 -29.42
C THR D 148 -31.58 1.48 -28.95
N GLY D 149 -30.91 2.49 -29.48
CA GLY D 149 -31.29 3.89 -29.30
C GLY D 149 -31.01 4.49 -27.93
N PHE D 150 -30.17 3.83 -27.13
CA PHE D 150 -29.92 4.31 -25.75
C PHE D 150 -28.71 5.24 -25.64
N TYR D 151 -28.75 6.13 -24.65
CA TYR D 151 -27.65 7.05 -24.36
C TYR D 151 -27.82 7.54 -22.93
N PRO D 152 -26.73 7.55 -22.14
CA PRO D 152 -25.37 7.12 -22.52
C PRO D 152 -25.27 5.60 -22.51
N ASP D 153 -24.06 5.05 -22.50
CA ASP D 153 -23.89 3.60 -22.71
C ASP D 153 -23.93 2.70 -21.47
N HIS D 154 -24.70 3.08 -20.44
CA HIS D 154 -24.82 2.29 -19.20
C HIS D 154 -25.99 1.34 -19.24
N VAL D 155 -25.77 0.12 -19.74
CA VAL D 155 -26.83 -0.91 -19.68
C VAL D 155 -26.27 -2.22 -19.15
N GLU D 156 -27.15 -3.00 -18.54
CA GLU D 156 -26.85 -4.39 -18.17
C GLU D 156 -27.93 -5.29 -18.78
N LEU D 157 -27.51 -6.16 -19.69
CA LEU D 157 -28.42 -7.08 -20.38
C LEU D 157 -28.36 -8.48 -19.75
N SER D 158 -29.53 -9.07 -19.50
CA SER D 158 -29.60 -10.43 -18.94
C SER D 158 -30.72 -11.23 -19.61
N TRP D 159 -30.55 -12.55 -19.64
CA TRP D 159 -31.55 -13.45 -20.20
C TRP D 159 -32.24 -14.20 -19.11
N TRP D 160 -33.56 -14.35 -19.26
CA TRP D 160 -34.37 -15.05 -18.29
C TRP D 160 -35.20 -16.09 -18.97
N VAL D 161 -35.12 -17.30 -18.46
CA VAL D 161 -35.91 -18.40 -18.99
C VAL D 161 -36.76 -18.93 -17.85
N ASN D 162 -38.07 -18.90 -18.04
CA ASN D 162 -39.04 -19.33 -17.02
C ASN D 162 -38.75 -18.73 -15.63
N GLY D 163 -38.53 -17.42 -15.61
CA GLY D 163 -38.33 -16.67 -14.37
C GLY D 163 -36.98 -16.78 -13.68
N LYS D 164 -36.05 -17.55 -14.26
CA LYS D 164 -34.71 -17.62 -13.68
C LYS D 164 -33.68 -17.09 -14.68
N GLU D 165 -32.68 -16.38 -14.16
CA GLU D 165 -31.61 -15.85 -15.01
C GLU D 165 -30.71 -16.99 -15.48
N VAL D 166 -30.36 -16.96 -16.76
CA VAL D 166 -29.47 -17.99 -17.35
C VAL D 166 -28.14 -17.39 -17.79
N HIS D 167 -27.11 -18.22 -17.79
CA HIS D 167 -25.77 -17.81 -18.23
C HIS D 167 -25.24 -18.72 -19.29
N SER D 168 -25.50 -20.01 -19.14
CA SER D 168 -25.11 -20.99 -20.16
C SER D 168 -25.78 -20.69 -21.50
N GLY D 169 -25.00 -20.71 -22.57
CA GLY D 169 -25.53 -20.49 -23.92
C GLY D 169 -25.72 -19.02 -24.28
N VAL D 170 -25.28 -18.12 -23.41
CA VAL D 170 -25.42 -16.69 -23.64
C VAL D 170 -24.10 -16.08 -24.11
N CYS D 171 -24.15 -15.19 -25.11
CA CYS D 171 -23.05 -14.27 -25.40
C CYS D 171 -23.57 -12.87 -25.69
N THR D 172 -23.07 -11.90 -24.93
CA THR D 172 -23.45 -10.50 -25.12
C THR D 172 -22.23 -9.70 -25.59
N ASP D 173 -22.44 -8.78 -26.53
CA ASP D 173 -21.33 -7.91 -27.00
C ASP D 173 -20.61 -7.31 -25.79
N PRO D 174 -19.26 -7.25 -25.84
CA PRO D 174 -18.46 -6.68 -24.74
C PRO D 174 -18.69 -5.17 -24.57
N GLN D 175 -18.99 -4.49 -25.66
CA GLN D 175 -19.21 -3.04 -25.67
C GLN D 175 -20.37 -2.72 -26.61
N PRO D 176 -21.14 -1.65 -26.31
CA PRO D 176 -22.16 -1.26 -27.29
C PRO D 176 -21.53 -0.61 -28.52
N LEU D 177 -22.25 -0.56 -29.63
CA LEU D 177 -21.75 0.14 -30.81
C LEU D 177 -22.47 1.47 -30.99
N LYS D 178 -21.84 2.42 -31.67
CA LYS D 178 -22.48 3.70 -31.97
C LYS D 178 -23.39 3.57 -33.20
N GLU D 179 -24.63 4.02 -33.07
CA GLU D 179 -25.57 3.97 -34.18
C GLU D 179 -25.25 5.02 -35.25
N GLN D 180 -24.66 6.13 -34.82
CA GLN D 180 -24.26 7.20 -35.72
C GLN D 180 -22.86 7.66 -35.32
N PRO D 181 -21.82 6.92 -35.73
CA PRO D 181 -20.43 7.20 -35.29
C PRO D 181 -19.93 8.62 -35.58
N ALA D 182 -20.45 9.26 -36.63
CA ALA D 182 -20.06 10.62 -36.97
C ALA D 182 -20.71 11.70 -36.09
N LEU D 183 -21.80 11.33 -35.40
CA LEU D 183 -22.50 12.28 -34.51
C LEU D 183 -21.89 12.31 -33.12
N ASN D 184 -21.77 13.51 -32.57
CA ASN D 184 -21.08 13.73 -31.30
C ASN D 184 -21.68 12.98 -30.11
N ASP D 185 -23.01 13.00 -30.00
CA ASP D 185 -23.69 12.31 -28.90
C ASP D 185 -24.46 11.09 -29.43
N SER D 186 -23.81 10.30 -30.29
CA SER D 186 -24.46 9.15 -30.93
C SER D 186 -25.06 8.23 -29.90
N ARG D 187 -26.27 7.76 -30.19
CA ARG D 187 -26.90 6.76 -29.37
C ARG D 187 -26.30 5.39 -29.67
N TYR D 188 -26.58 4.42 -28.80
CA TYR D 188 -25.89 3.14 -28.82
C TYR D 188 -26.82 1.97 -29.11
N ALA D 189 -26.22 0.86 -29.55
CA ALA D 189 -26.93 -0.41 -29.67
C ALA D 189 -26.07 -1.51 -29.07
N LEU D 190 -26.72 -2.59 -28.64
CA LEU D 190 -26.06 -3.74 -28.04
C LEU D 190 -26.83 -4.99 -28.43
N SER D 191 -26.12 -6.07 -28.75
CA SER D 191 -26.77 -7.33 -29.12
C SER D 191 -26.34 -8.47 -28.19
N SER D 192 -27.20 -9.47 -28.05
CA SER D 192 -26.90 -10.66 -27.27
C SER D 192 -27.53 -11.86 -27.96
N ARG D 193 -26.94 -13.04 -27.74
CA ARG D 193 -27.54 -14.28 -28.20
C ARG D 193 -27.79 -15.19 -27.01
N LEU D 194 -28.88 -15.96 -27.09
CA LEU D 194 -29.12 -17.08 -26.19
C LEU D 194 -29.41 -18.27 -27.07
N ARG D 195 -28.62 -19.32 -26.92
CA ARG D 195 -28.85 -20.52 -27.74
C ARG D 195 -29.27 -21.68 -26.87
N VAL D 196 -30.33 -22.36 -27.33
CA VAL D 196 -30.88 -23.53 -26.64
C VAL D 196 -31.03 -24.66 -27.66
N SER D 197 -31.35 -25.86 -27.19
CA SER D 197 -31.63 -26.97 -28.11
C SER D 197 -32.93 -26.73 -28.85
N ALA D 198 -33.09 -27.37 -30.01
CA ALA D 198 -34.31 -27.22 -30.80
C ALA D 198 -35.53 -27.65 -29.99
N THR D 199 -35.41 -28.73 -29.24
CA THR D 199 -36.53 -29.30 -28.47
C THR D 199 -36.99 -28.36 -27.35
N PHE D 200 -36.04 -27.61 -26.79
CA PHE D 200 -36.35 -26.60 -25.79
C PHE D 200 -37.13 -25.44 -26.40
N TRP D 201 -36.67 -24.93 -27.55
CA TRP D 201 -37.41 -23.91 -28.28
C TRP D 201 -38.78 -24.38 -28.70
N GLN D 202 -38.88 -25.64 -29.09
CA GLN D 202 -40.14 -26.21 -29.60
C GLN D 202 -41.22 -26.47 -28.54
N ASN D 203 -40.85 -26.37 -27.27
CA ASN D 203 -41.82 -26.44 -26.19
C ASN D 203 -42.46 -25.05 -26.00
N PRO D 204 -43.76 -24.92 -26.39
CA PRO D 204 -44.44 -23.62 -26.25
C PRO D 204 -44.62 -23.19 -24.79
N ARG D 205 -44.30 -24.10 -23.87
CA ARG D 205 -44.31 -23.83 -22.44
C ARG D 205 -43.17 -22.89 -22.06
N ASN D 206 -42.15 -22.84 -22.90
CA ASN D 206 -40.96 -22.09 -22.55
C ASN D 206 -41.04 -20.62 -22.88
N HIS D 207 -40.68 -19.82 -21.87
CA HIS D 207 -40.77 -18.38 -21.90
C HIS D 207 -39.40 -17.77 -21.79
N PHE D 208 -39.06 -16.91 -22.75
CA PHE D 208 -37.74 -16.29 -22.82
C PHE D 208 -37.90 -14.79 -22.69
N ARG D 209 -37.04 -14.17 -21.89
CA ARG D 209 -37.06 -12.73 -21.73
C ARG D 209 -35.65 -12.13 -21.75
N CYS D 210 -35.46 -11.17 -22.64
CA CYS D 210 -34.26 -10.35 -22.65
C CYS D 210 -34.58 -9.11 -21.81
N GLN D 211 -33.79 -8.91 -20.74
CA GLN D 211 -34.03 -7.84 -19.80
C GLN D 211 -32.84 -6.87 -19.80
N VAL D 212 -33.12 -5.59 -20.03
CA VAL D 212 -32.06 -4.61 -20.10
C VAL D 212 -32.25 -3.54 -19.03
N GLN D 213 -31.36 -3.53 -18.04
CA GLN D 213 -31.34 -2.45 -17.06
C GLN D 213 -30.61 -1.25 -17.63
N PHE D 214 -31.33 -0.13 -17.69
CA PHE D 214 -30.77 1.12 -18.20
C PHE D 214 -30.51 2.04 -17.01
N TYR D 215 -29.33 2.65 -17.00
CA TYR D 215 -29.00 3.62 -15.96
C TYR D 215 -29.06 5.00 -16.58
N GLY D 216 -30.05 5.78 -16.12
CA GLY D 216 -30.26 7.10 -16.66
C GLY D 216 -30.49 8.10 -15.56
N LEU D 217 -31.58 8.84 -15.68
CA LEU D 217 -31.86 9.96 -14.79
C LEU D 217 -32.42 9.50 -13.48
N SER D 218 -32.12 10.25 -12.42
CA SER D 218 -32.80 10.04 -11.16
C SER D 218 -34.17 10.69 -11.27
N GLU D 219 -35.18 10.01 -10.75
CA GLU D 219 -36.56 10.49 -10.71
C GLU D 219 -36.65 11.97 -10.33
N ASN D 220 -35.63 12.46 -9.64
CA ASN D 220 -35.54 13.84 -9.15
C ASN D 220 -34.87 14.86 -10.07
N ASP D 221 -34.10 14.39 -11.06
CA ASP D 221 -33.31 15.26 -11.97
C ASP D 221 -34.20 16.29 -12.64
N GLU D 222 -33.64 17.45 -12.97
CA GLU D 222 -34.43 18.49 -13.65
C GLU D 222 -34.72 18.09 -15.10
N TRP D 223 -35.97 18.20 -15.51
CA TRP D 223 -36.39 17.77 -16.84
C TRP D 223 -37.45 18.72 -17.35
N THR D 224 -37.19 19.38 -18.47
CA THR D 224 -38.13 20.38 -19.00
C THR D 224 -38.64 20.06 -20.41
N GLN D 225 -38.31 18.87 -20.91
CA GLN D 225 -38.74 18.44 -22.23
C GLN D 225 -40.07 17.69 -22.11
N ASP D 226 -40.88 17.74 -23.16
CA ASP D 226 -42.19 17.08 -23.19
C ASP D 226 -42.04 15.56 -23.27
N ARG D 227 -40.99 15.08 -23.93
CA ARG D 227 -40.83 13.63 -23.97
C ARG D 227 -40.56 13.07 -22.54
N ALA D 228 -41.01 11.85 -22.30
CA ALA D 228 -40.94 11.23 -20.98
C ALA D 228 -39.53 11.26 -20.41
N LYS D 229 -39.41 11.68 -19.15
CA LYS D 229 -38.11 11.72 -18.49
C LYS D 229 -37.38 10.36 -18.58
N PRO D 230 -36.15 10.35 -19.13
CA PRO D 230 -35.47 9.08 -19.37
C PRO D 230 -34.75 8.57 -18.10
N VAL D 231 -35.56 8.13 -17.15
CA VAL D 231 -35.08 7.69 -15.85
C VAL D 231 -34.45 6.30 -15.94
N THR D 232 -33.63 5.96 -14.95
CA THR D 232 -33.18 4.59 -14.74
C THR D 232 -34.41 3.67 -14.75
N GLN D 233 -34.33 2.57 -15.49
CA GLN D 233 -35.49 1.70 -15.70
C GLN D 233 -35.07 0.38 -16.37
N ILE D 234 -35.95 -0.61 -16.29
CA ILE D 234 -35.76 -1.86 -17.00
C ILE D 234 -36.64 -1.90 -18.23
N VAL D 235 -36.04 -2.19 -19.38
CA VAL D 235 -36.81 -2.43 -20.61
C VAL D 235 -36.60 -3.88 -21.05
N SER D 236 -37.68 -4.59 -21.34
CA SER D 236 -37.61 -6.01 -21.70
C SER D 236 -38.36 -6.33 -22.98
N ALA D 237 -37.97 -7.44 -23.62
CA ALA D 237 -38.77 -8.04 -24.69
C ALA D 237 -38.83 -9.54 -24.41
N GLU D 238 -39.90 -10.18 -24.86
CA GLU D 238 -40.13 -11.59 -24.56
C GLU D 238 -40.53 -12.40 -25.79
N ALA D 239 -40.34 -13.72 -25.68
CA ALA D 239 -40.74 -14.66 -26.72
C ALA D 239 -41.15 -15.98 -26.08
N TRP D 240 -42.04 -16.70 -26.76
CA TRP D 240 -42.50 -18.01 -26.33
C TRP D 240 -42.04 -19.03 -27.31
N GLY D 241 -41.67 -20.21 -26.81
CA GLY D 241 -41.39 -21.35 -27.68
C GLY D 241 -42.56 -21.64 -28.62
N ARG D 242 -42.29 -22.32 -29.73
CA ARG D 242 -43.31 -22.65 -30.74
C ARG D 242 -43.26 -24.14 -31.08
N ALA D 243 -44.41 -24.81 -30.97
CA ALA D 243 -44.51 -26.26 -31.17
C ALA D 243 -44.04 -26.78 -32.54
N ASP D 244 -44.37 -26.04 -33.60
CA ASP D 244 -44.14 -26.48 -34.99
C ASP D 244 -42.72 -26.98 -35.26
N ARG E 1 16.16 4.28 5.64
CA ARG E 1 14.92 4.10 4.83
C ARG E 1 13.88 3.29 5.60
N TYR E 2 12.75 3.92 5.93
CA TYR E 2 11.72 3.33 6.76
C TYR E 2 11.06 2.10 6.11
N PRO E 3 10.70 1.09 6.93
CA PRO E 3 9.96 -0.05 6.39
C PRO E 3 8.49 0.27 6.18
N LEU E 4 7.80 -0.60 5.46
CA LEU E 4 6.34 -0.63 5.50
C LEU E 4 5.92 -1.44 6.72
N THR E 5 4.67 -1.24 7.16
CA THR E 5 4.17 -1.86 8.38
C THR E 5 3.15 -2.96 8.15
N LEU E 6 2.97 -3.40 6.89
CA LEU E 6 2.21 -4.63 6.63
C LEU E 6 2.76 -5.78 7.48
N GLY E 7 1.87 -6.51 8.15
CA GLY E 7 2.28 -7.62 9.01
C GLY E 7 2.62 -7.24 10.45
N TRP E 8 2.45 -5.97 10.82
CA TRP E 8 2.78 -5.50 12.18
C TRP E 8 1.63 -5.46 13.14
N CYS E 9 0.51 -6.11 12.83
CA CYS E 9 -0.69 -6.01 13.66
C CYS E 9 -0.71 -7.03 14.80
N PHE E 10 -0.76 -6.56 16.04
CA PHE E 10 -0.81 -7.43 17.22
C PHE E 10 -1.99 -8.40 17.16
#